data_5AE9
#
_entry.id   5AE9
#
_cell.length_a   142.300
_cell.length_b   64.620
_cell.length_c   116.370
_cell.angle_alpha   90.00
_cell.angle_beta   103.32
_cell.angle_gamma   90.00
#
_symmetry.space_group_name_H-M   'C 1 2 1'
#
loop_
_entity.id
_entity.type
_entity.pdbx_description
1 polymer 'Phosphatidylinositol 4,5-bisphosphate 3-kinase catalytic subunit delta isoform'
2 non-polymer N-[5-[4-(5-{[(2R,6S)-2,6-DIMETHYL-4-MORPHOLINYL]METHYL}-1,3-OXAZOL-2-YL)-1H-INDAZOL-6-YL]-2-(METHYLOXY)-3-PYRIDINYL]METHANESULFONAMIDE
3 water water
#
_entity_poly.entity_id   1
_entity_poly.type   'polypeptide(L)'
_entity_poly.pdbx_seq_one_letter_code
;GGDRVKKLINSQISLLIGKGLHEFDSLRDPEVNDFRTKMRQFCEEAAAHRQQLGWVEWLQYSFPLQLEPSARGWRAGLLR
VSNRALLVNVKFEGSEESFTFQVSTKDMPLALMACALRKKATVFRQPLVEQPEEYALQVNGRHEYLYGNYPLCHFQYICS
CLHSGLTPHLTMVHSSSILAMRDEQSNPAPQVQKPRAKPPPIPAKKPSSVSLWSLEQPFSIELIEGRKVNADERMKLVVQ
AGLFHGNEMLCKTVSSSEVNVCSEPVWKQRLEFDISVCDLPRMARLCFALYAVVEKAKKARSTKKKSKKADCPIAWANLM
LFDYKDQLKTGERCLYMWPSVPDEKGELLNPAGTVRGNPNTESAAALVIYLPEVAPHPVYFPALEKILELGRHGERGRIT
EEEQLQLREILERRGSGELYEHEKDLVWKMRHEVQEHFPEALARLLLVTKWNKHEDVAQMLYLLCSWPELPVLSALELLD
FSFPDCYVGSFAIKSLRKLTDDELFQYLLQLVQVLKYESYLDCELTKFLLGRALANRKIGHFLFWHLRSEMHVPSVALRF
GLIMEAYCRGSTHHMKVLMKQGEALSKLKALNDFVKVSSQKTTKPQTKEMMHMCMRQETYMEALSHLQSPLDPSTLLEEV
CVEQCTFMDSKMKPLWIMYSSEEAGSAGNVGIIFKNGDDLRQDMLTLQMIQLMDVLWKQEGLDLRMTPYGCLPTGDRTGL
IEVVLHSDTIANIQLNKSNMAATAAFNKDALLNWLKSKNPGEALDRAIEEFTLSCAGYCVATYVLGIGDRHSDNIMIRES
GQLFHIDFGHFLGNFKTKFGINRERVPFILTYDFVHVIQQGKTNNSEKFERFRGYCERAYTILRRHGLLFLHLFALMRAA
GLPELSCSKDIQYLKDSLALGKTEEEALKHFRVKFNEALRESWKTKVNWLAHNVSKDNRQ
;
_entity_poly.pdbx_strand_id   A
#
loop_
_chem_comp.id
_chem_comp.type
_chem_comp.name
_chem_comp.formula
OKO non-polymer N-[5-[4-(5-{[(2R,6S)-2,6-DIMETHYL-4-MORPHOLINYL]METHYL}-1,3-OXAZOL-2-YL)-1H-INDAZOL-6-YL]-2-(METHYLOXY)-3-PYRIDINYL]METHANESULFONAMIDE 'C24 H28 N6 O5 S'
#
# COMPACT_ATOMS: atom_id res chain seq x y z
N ARG A 4 6.55 13.67 34.92
CA ARG A 4 7.79 13.79 34.12
C ARG A 4 7.80 12.92 32.87
N VAL A 5 7.38 11.64 32.98
CA VAL A 5 7.37 10.65 31.89
C VAL A 5 6.19 10.90 30.90
N LYS A 6 5.03 11.36 31.43
CA LYS A 6 3.82 11.75 30.69
C LYS A 6 4.17 12.91 29.73
N LYS A 7 4.95 13.88 30.24
CA LYS A 7 5.47 15.05 29.53
C LYS A 7 6.47 14.62 28.47
N LEU A 8 7.33 13.63 28.81
CA LEU A 8 8.34 13.05 27.94
C LEU A 8 7.72 12.32 26.75
N ILE A 9 6.75 11.41 26.97
CA ILE A 9 6.05 10.67 25.91
C ILE A 9 5.46 11.62 24.85
N ASN A 10 4.74 12.69 25.26
CA ASN A 10 4.11 13.71 24.39
C ASN A 10 5.16 14.41 23.52
N SER A 11 6.27 14.88 24.14
CA SER A 11 7.37 15.55 23.39
C SER A 11 8.06 14.61 22.37
N GLN A 12 8.08 13.29 22.65
CA GLN A 12 8.66 12.27 21.77
C GLN A 12 7.67 11.94 20.65
N ILE A 13 6.35 11.96 20.94
CA ILE A 13 5.28 11.76 19.94
C ILE A 13 5.30 12.96 18.96
N SER A 14 5.39 14.22 19.47
CA SER A 14 5.46 15.44 18.63
C SER A 14 6.62 15.42 17.63
N LEU A 15 7.78 14.98 18.08
CA LEU A 15 8.97 14.88 17.26
C LEU A 15 8.86 13.78 16.20
N LEU A 16 8.36 12.57 16.60
CA LEU A 16 8.19 11.41 15.70
C LEU A 16 7.14 11.61 14.60
N ILE A 17 5.94 12.11 14.98
CA ILE A 17 4.84 12.35 14.05
C ILE A 17 5.09 13.61 13.16
N GLY A 18 6.02 14.48 13.53
CA GLY A 18 6.38 15.66 12.76
C GLY A 18 5.38 16.78 12.80
N LYS A 19 4.88 17.07 14.01
CA LYS A 19 3.87 18.07 14.37
C LYS A 19 3.70 18.01 15.88
N GLY A 20 3.68 19.17 16.52
CA GLY A 20 3.49 19.32 17.95
C GLY A 20 2.07 19.01 18.36
N LEU A 21 1.90 18.24 19.47
CA LEU A 21 0.59 17.82 20.00
C LEU A 21 -0.28 18.99 20.37
N HIS A 22 0.35 20.09 20.82
CA HIS A 22 -0.30 21.35 21.22
C HIS A 22 -1.11 21.95 20.07
N GLU A 23 -0.72 21.67 18.82
CA GLU A 23 -1.38 22.17 17.62
C GLU A 23 -2.73 21.51 17.37
N PHE A 24 -2.97 20.30 17.93
CA PHE A 24 -4.26 19.59 17.85
C PHE A 24 -5.22 20.24 18.85
N ASP A 25 -4.67 20.69 20.01
CA ASP A 25 -5.42 21.34 21.08
C ASP A 25 -5.85 22.75 20.72
N SER A 26 -4.97 23.54 20.04
CA SER A 26 -5.25 24.93 19.63
C SER A 26 -6.42 25.07 18.64
N LEU A 27 -6.81 23.96 17.97
CA LEU A 27 -7.94 23.93 17.03
C LEU A 27 -9.29 24.06 17.74
N ARG A 28 -9.35 23.66 19.02
CA ARG A 28 -10.51 23.71 19.92
C ARG A 28 -11.76 23.10 19.29
N ASP A 29 -11.53 22.14 18.38
CA ASP A 29 -12.51 21.39 17.60
C ASP A 29 -12.93 20.14 18.39
N PRO A 30 -14.24 19.97 18.73
CA PRO A 30 -14.66 18.79 19.51
C PRO A 30 -14.55 17.46 18.79
N GLU A 31 -14.38 17.46 17.44
CA GLU A 31 -14.25 16.22 16.67
C GLU A 31 -12.88 15.60 16.85
N VAL A 32 -11.86 16.46 16.97
CA VAL A 32 -10.43 16.13 17.13
C VAL A 32 -10.21 15.67 18.57
N ASN A 33 -10.84 16.38 19.52
CA ASN A 33 -10.81 16.17 20.97
C ASN A 33 -11.50 14.87 21.35
N ASP A 34 -12.61 14.52 20.68
CA ASP A 34 -13.31 13.26 20.99
C ASP A 34 -12.59 12.09 20.40
N PHE A 35 -11.95 12.26 19.20
CA PHE A 35 -11.13 11.25 18.54
C PHE A 35 -9.95 10.89 19.44
N ARG A 36 -9.26 11.92 19.95
CA ARG A 36 -8.09 11.81 20.81
C ARG A 36 -8.34 11.01 22.11
N THR A 37 -9.45 11.29 22.82
CA THR A 37 -9.78 10.58 24.07
C THR A 37 -10.31 9.14 23.82
N LYS A 38 -11.09 8.91 22.76
CA LYS A 38 -11.68 7.61 22.47
C LYS A 38 -10.62 6.60 21.99
N MET A 39 -9.76 7.02 21.03
CA MET A 39 -8.71 6.18 20.47
C MET A 39 -7.53 5.96 21.42
N ARG A 40 -7.16 6.95 22.28
CA ARG A 40 -6.14 6.80 23.33
C ARG A 40 -6.55 5.62 24.25
N GLN A 41 -7.82 5.63 24.72
CA GLN A 41 -8.48 4.58 25.54
C GLN A 41 -8.48 3.23 24.79
N PHE A 42 -8.90 3.23 23.52
CA PHE A 42 -8.89 2.04 22.67
C PHE A 42 -7.49 1.47 22.50
N CYS A 43 -6.47 2.33 22.33
CA CYS A 43 -5.07 1.90 22.11
C CYS A 43 -4.37 1.40 23.38
N GLU A 44 -4.65 2.03 24.51
CA GLU A 44 -4.10 1.63 25.80
C GLU A 44 -4.64 0.27 26.27
N GLU A 45 -5.81 -0.15 25.77
CA GLU A 45 -6.41 -1.46 26.08
C GLU A 45 -5.61 -2.56 25.41
N ALA A 46 -5.19 -2.31 24.15
CA ALA A 46 -4.40 -3.21 23.31
C ALA A 46 -3.03 -3.42 23.95
N ALA A 47 -2.42 -2.31 24.44
CA ALA A 47 -1.15 -2.26 25.16
C ALA A 47 -1.15 -3.18 26.39
N ALA A 48 -2.24 -3.12 27.17
CA ALA A 48 -2.46 -3.91 28.39
C ALA A 48 -2.64 -5.39 28.04
N HIS A 49 -3.40 -5.69 26.98
CA HIS A 49 -3.67 -7.04 26.48
C HIS A 49 -2.36 -7.72 26.09
N ARG A 50 -1.52 -6.99 25.36
CA ARG A 50 -0.20 -7.38 24.89
C ARG A 50 0.77 -7.70 26.02
N GLN A 51 0.92 -6.75 26.95
CA GLN A 51 1.86 -6.85 28.06
C GLN A 51 1.59 -8.04 28.99
N GLN A 52 0.50 -8.79 28.74
CA GLN A 52 0.11 -9.96 29.49
C GLN A 52 -0.01 -11.25 28.63
N LEU A 53 0.23 -11.16 27.30
CA LEU A 53 0.20 -12.31 26.37
C LEU A 53 1.17 -13.42 26.81
N GLY A 54 0.94 -14.64 26.32
CA GLY A 54 1.84 -15.76 26.56
C GLY A 54 3.12 -15.52 25.78
N TRP A 55 4.17 -16.31 26.01
CA TRP A 55 5.44 -16.09 25.32
C TRP A 55 5.42 -16.40 23.79
N VAL A 56 4.57 -17.34 23.35
CA VAL A 56 4.43 -17.70 21.92
C VAL A 56 3.56 -16.64 21.24
N GLU A 57 2.53 -16.15 21.97
CA GLU A 57 1.61 -15.09 21.54
C GLU A 57 2.35 -13.79 21.38
N TRP A 58 3.41 -13.58 22.17
CA TRP A 58 4.28 -12.42 22.09
C TRP A 58 5.15 -12.53 20.81
N LEU A 59 5.57 -13.76 20.45
CA LEU A 59 6.35 -14.01 19.24
C LEU A 59 5.48 -13.72 18.03
N GLN A 60 4.16 -14.01 18.12
CA GLN A 60 3.22 -13.81 17.01
C GLN A 60 2.96 -12.33 16.79
N TYR A 61 3.07 -11.53 17.86
CA TYR A 61 2.90 -10.08 17.75
C TYR A 61 4.18 -9.45 17.21
N SER A 62 5.32 -9.77 17.85
CA SER A 62 6.61 -9.13 17.60
C SER A 62 7.38 -9.64 16.41
N PHE A 63 7.32 -10.95 16.18
CA PHE A 63 8.04 -11.59 15.10
C PHE A 63 7.00 -12.46 14.32
N PRO A 64 6.02 -11.81 13.60
CA PRO A 64 5.01 -12.61 12.85
C PRO A 64 5.64 -13.52 11.80
N LEU A 65 5.20 -14.77 11.75
CA LEU A 65 5.78 -15.75 10.82
C LEU A 65 5.88 -15.26 9.35
N GLN A 66 7.03 -15.53 8.70
CA GLN A 66 7.32 -15.18 7.32
C GLN A 66 7.31 -16.48 6.55
N LEU A 67 6.10 -16.91 6.16
CA LEU A 67 5.85 -18.17 5.48
C LEU A 67 5.81 -18.06 3.97
N GLU A 68 6.12 -19.16 3.29
CA GLU A 68 6.08 -19.27 1.85
C GLU A 68 4.61 -19.21 1.38
N PRO A 69 4.27 -18.38 0.35
CA PRO A 69 2.87 -18.30 -0.14
C PRO A 69 2.12 -19.63 -0.36
N SER A 70 2.89 -20.73 -0.57
CA SER A 70 2.42 -22.10 -0.76
C SER A 70 1.87 -22.77 0.51
N ALA A 71 2.37 -22.34 1.71
CA ALA A 71 1.98 -22.89 3.01
C ALA A 71 0.80 -22.17 3.69
N ARG A 72 0.70 -20.82 3.55
CA ARG A 72 -0.41 -20.08 4.16
C ARG A 72 -1.67 -20.12 3.27
N GLY A 73 -2.65 -20.90 3.70
CA GLY A 73 -3.92 -21.11 3.01
C GLY A 73 -4.58 -22.43 3.37
N ASN A 83 12.57 -36.68 2.09
CA ASN A 83 12.71 -35.62 1.10
C ASN A 83 14.17 -35.14 0.92
N ARG A 84 14.36 -33.87 0.48
CA ARG A 84 15.66 -33.23 0.25
C ARG A 84 16.29 -32.81 1.57
N ALA A 85 17.50 -33.35 1.88
CA ALA A 85 18.25 -33.07 3.10
C ALA A 85 19.03 -31.74 3.06
N LEU A 86 19.28 -31.14 4.26
CA LEU A 86 20.02 -29.88 4.40
C LEU A 86 20.72 -29.72 5.76
N LEU A 87 21.82 -28.94 5.76
CA LEU A 87 22.61 -28.62 6.96
C LEU A 87 22.07 -27.35 7.57
N VAL A 88 21.87 -27.35 8.90
CA VAL A 88 21.38 -26.17 9.64
C VAL A 88 22.28 -25.95 10.87
N ASN A 89 22.96 -24.79 10.95
CA ASN A 89 23.81 -24.45 12.08
C ASN A 89 22.96 -23.79 13.18
N VAL A 90 22.86 -24.49 14.33
CA VAL A 90 22.08 -24.09 15.51
C VAL A 90 23.03 -23.77 16.66
N LYS A 91 22.68 -22.76 17.47
CA LYS A 91 23.44 -22.35 18.66
C LYS A 91 22.51 -21.85 19.78
N PHE A 92 23.03 -21.69 21.02
CA PHE A 92 22.26 -21.20 22.17
C PHE A 92 22.80 -19.82 22.59
N GLU A 93 21.87 -18.85 22.78
CA GLU A 93 22.04 -17.43 23.14
C GLU A 93 23.34 -17.08 23.92
N GLY A 94 23.45 -17.58 25.15
CA GLY A 94 24.60 -17.33 26.01
C GLY A 94 25.78 -18.22 25.73
N SER A 95 26.14 -18.37 24.45
CA SER A 95 27.27 -19.19 24.01
C SER A 95 27.67 -18.85 22.58
N GLU A 96 28.98 -18.75 22.35
CA GLU A 96 29.57 -18.51 21.03
C GLU A 96 29.57 -19.82 20.24
N GLU A 97 29.60 -20.96 20.96
CA GLU A 97 29.60 -22.32 20.41
C GLU A 97 28.33 -22.62 19.60
N SER A 98 28.43 -23.54 18.63
CA SER A 98 27.36 -23.95 17.71
C SER A 98 27.53 -25.39 17.24
N PHE A 99 26.45 -25.98 16.71
CA PHE A 99 26.44 -27.34 16.18
C PHE A 99 25.70 -27.35 14.84
N THR A 100 26.25 -28.04 13.83
CA THR A 100 25.64 -28.21 12.51
C THR A 100 25.04 -29.61 12.45
N PHE A 101 23.74 -29.66 12.12
CA PHE A 101 22.96 -30.90 12.06
C PHE A 101 22.43 -31.12 10.65
N GLN A 102 22.39 -32.38 10.20
CA GLN A 102 21.81 -32.71 8.91
C GLN A 102 20.37 -33.02 9.18
N VAL A 103 19.46 -32.24 8.59
CA VAL A 103 18.01 -32.36 8.75
C VAL A 103 17.34 -32.47 7.37
N SER A 104 16.01 -32.54 7.35
CA SER A 104 15.24 -32.62 6.11
C SER A 104 14.37 -31.36 6.00
N THR A 105 13.93 -31.05 4.77
CA THR A 105 13.03 -29.91 4.47
C THR A 105 11.63 -30.15 5.06
N LYS A 106 11.16 -31.41 5.08
CA LYS A 106 9.83 -31.84 5.57
C LYS A 106 9.70 -31.80 7.11
N ASP A 107 10.82 -31.59 7.80
CA ASP A 107 10.92 -31.57 9.26
C ASP A 107 10.41 -30.26 9.87
N MET A 108 9.75 -30.33 11.05
CA MET A 108 9.23 -29.16 11.78
C MET A 108 10.38 -28.50 12.60
N PRO A 109 10.33 -27.18 12.96
CA PRO A 109 11.42 -26.62 13.79
C PRO A 109 11.68 -27.37 15.11
N LEU A 110 10.61 -27.85 15.79
CA LEU A 110 10.63 -28.59 17.07
C LEU A 110 11.54 -29.83 17.06
N ALA A 111 11.57 -30.57 15.94
CA ALA A 111 12.39 -31.78 15.76
C ALA A 111 13.89 -31.39 15.76
N LEU A 112 14.18 -30.20 15.21
CA LEU A 112 15.49 -29.58 15.15
C LEU A 112 15.83 -29.06 16.57
N MET A 113 14.83 -28.58 17.32
CA MET A 113 15.01 -28.06 18.69
C MET A 113 15.42 -29.19 19.63
N ALA A 114 14.62 -30.30 19.68
CA ALA A 114 14.90 -31.51 20.46
C ALA A 114 16.25 -32.12 20.06
N CYS A 115 16.60 -31.93 18.77
CA CYS A 115 17.86 -32.36 18.18
C CYS A 115 19.02 -31.52 18.78
N ALA A 116 18.89 -30.17 18.70
CA ALA A 116 19.85 -29.19 19.25
C ALA A 116 20.10 -29.40 20.75
N LEU A 117 19.05 -29.79 21.50
CA LEU A 117 19.08 -30.04 22.94
C LEU A 117 19.76 -31.36 23.34
N ARG A 118 19.72 -32.40 22.46
CA ARG A 118 20.36 -33.70 22.74
C ARG A 118 21.87 -33.52 22.71
N LYS A 119 22.39 -32.87 21.63
CA LYS A 119 23.81 -32.57 21.44
C LYS A 119 24.38 -31.68 22.53
N LYS A 120 23.56 -30.78 23.13
CA LYS A 120 23.93 -29.88 24.21
C LYS A 120 23.97 -30.64 25.55
N ALA A 121 23.19 -31.73 25.66
CA ALA A 121 23.18 -32.56 26.86
C ALA A 121 24.45 -33.40 26.91
N THR A 122 24.89 -33.94 25.74
CA THR A 122 26.10 -34.77 25.61
C THR A 122 27.37 -33.93 25.80
N VAL A 123 27.41 -32.71 25.23
CA VAL A 123 28.53 -31.78 25.31
C VAL A 123 28.76 -31.28 26.77
N PHE A 124 27.67 -31.21 27.57
CA PHE A 124 27.71 -30.73 28.94
C PHE A 124 27.49 -31.82 30.01
N ARG A 125 27.32 -33.10 29.57
CA ARG A 125 27.13 -34.30 30.41
C ARG A 125 26.01 -34.16 31.48
N GLN A 126 24.88 -33.50 31.10
CA GLN A 126 23.74 -33.26 31.99
C GLN A 126 22.39 -33.50 31.27
N PRO A 127 21.48 -34.36 31.82
CA PRO A 127 20.18 -34.55 31.15
C PRO A 127 19.28 -33.32 31.36
N LEU A 128 19.31 -32.42 30.38
CA LEU A 128 18.63 -31.11 30.34
C LEU A 128 17.13 -31.11 30.67
N VAL A 129 16.80 -30.36 31.74
CA VAL A 129 15.48 -30.09 32.34
C VAL A 129 14.46 -29.69 31.26
N GLU A 130 14.89 -28.80 30.34
CA GLU A 130 14.10 -28.25 29.24
C GLU A 130 13.66 -29.30 28.22
N GLN A 131 12.56 -28.98 27.53
CA GLN A 131 11.91 -29.76 26.47
C GLN A 131 11.96 -28.88 25.21
N PRO A 132 11.84 -29.42 23.96
CA PRO A 132 11.87 -28.55 22.77
C PRO A 132 10.80 -27.45 22.71
N GLU A 133 9.65 -27.71 23.35
CA GLU A 133 8.49 -26.83 23.44
C GLU A 133 8.78 -25.44 24.04
N GLU A 134 9.62 -25.39 25.09
CA GLU A 134 10.02 -24.18 25.82
C GLU A 134 10.77 -23.13 24.97
N TYR A 135 11.48 -23.57 23.90
CA TYR A 135 12.28 -22.71 23.04
C TYR A 135 11.59 -22.32 21.73
N ALA A 136 12.19 -21.32 21.06
CA ALA A 136 11.84 -20.81 19.73
C ALA A 136 13.16 -20.64 18.99
N LEU A 137 13.15 -20.71 17.65
CA LEU A 137 14.37 -20.55 16.84
C LEU A 137 14.54 -19.20 16.17
N GLN A 138 15.43 -18.34 16.66
CA GLN A 138 15.68 -17.01 16.04
C GLN A 138 16.64 -17.12 14.85
N VAL A 139 16.35 -16.43 13.76
CA VAL A 139 17.28 -16.32 12.64
C VAL A 139 18.44 -15.40 13.15
N ASN A 140 19.70 -15.83 12.99
CA ASN A 140 20.87 -15.11 13.49
C ASN A 140 20.91 -13.64 13.13
N GLY A 141 20.90 -12.81 14.19
CA GLY A 141 20.93 -11.35 14.12
C GLY A 141 19.85 -10.70 13.26
N ARG A 142 18.63 -11.26 13.34
CA ARG A 142 17.47 -10.78 12.62
C ARG A 142 16.27 -10.79 13.56
N HIS A 143 15.31 -9.84 13.37
CA HIS A 143 14.06 -9.91 14.14
C HIS A 143 13.10 -10.88 13.43
N GLU A 144 13.59 -12.12 13.17
CA GLU A 144 12.85 -13.20 12.52
C GLU A 144 12.95 -14.43 13.40
N TYR A 145 11.87 -15.23 13.46
CA TYR A 145 11.84 -16.45 14.25
C TYR A 145 11.18 -17.55 13.48
N LEU A 146 11.51 -18.81 13.86
CA LEU A 146 11.02 -20.02 13.25
C LEU A 146 10.35 -20.90 14.29
N TYR A 147 9.01 -20.91 14.25
CA TYR A 147 8.14 -21.62 15.19
C TYR A 147 6.85 -22.06 14.51
N GLY A 148 5.99 -22.72 15.28
CA GLY A 148 4.75 -23.29 14.79
C GLY A 148 5.00 -24.64 14.16
N ASN A 149 3.91 -25.33 13.75
CA ASN A 149 4.02 -26.64 13.11
C ASN A 149 3.99 -26.48 11.60
N TYR A 150 5.17 -26.17 11.04
CA TYR A 150 5.42 -25.91 9.63
C TYR A 150 6.78 -26.50 9.28
N PRO A 151 6.91 -27.31 8.19
CA PRO A 151 8.23 -27.83 7.85
C PRO A 151 9.19 -26.70 7.52
N LEU A 152 10.52 -26.98 7.56
CA LEU A 152 11.57 -25.99 7.28
C LEU A 152 11.36 -25.31 5.93
N CYS A 153 10.99 -26.09 4.87
CA CYS A 153 10.76 -25.59 3.51
C CYS A 153 9.64 -24.52 3.42
N HIS A 154 8.66 -24.51 4.36
CA HIS A 154 7.56 -23.55 4.40
C HIS A 154 7.95 -22.15 4.96
N PHE A 155 9.17 -22.01 5.54
CA PHE A 155 9.64 -20.72 6.07
C PHE A 155 10.36 -19.99 4.97
N GLN A 156 10.06 -18.68 4.81
CA GLN A 156 10.66 -17.81 3.80
C GLN A 156 12.18 -17.79 3.87
N TYR A 157 12.76 -17.93 5.09
CA TYR A 157 14.21 -17.90 5.32
C TYR A 157 14.91 -19.19 4.90
N ILE A 158 14.34 -20.37 5.21
CA ILE A 158 14.92 -21.67 4.81
C ILE A 158 14.81 -21.82 3.30
N CYS A 159 13.66 -21.46 2.71
CA CYS A 159 13.43 -21.53 1.27
C CYS A 159 14.45 -20.72 0.50
N SER A 160 14.75 -19.50 0.97
CA SER A 160 15.73 -18.58 0.39
C SER A 160 17.11 -19.25 0.37
N CYS A 161 17.54 -19.78 1.55
CA CYS A 161 18.80 -20.47 1.79
C CYS A 161 19.00 -21.65 0.81
N LEU A 162 17.92 -22.36 0.44
CA LEU A 162 17.98 -23.50 -0.47
C LEU A 162 18.26 -23.12 -1.95
N HIS A 163 18.03 -21.86 -2.36
CA HIS A 163 18.28 -21.38 -3.74
C HIS A 163 19.67 -20.75 -3.92
N SER A 164 20.23 -20.16 -2.85
CA SER A 164 21.57 -19.58 -2.83
C SER A 164 22.54 -20.59 -2.18
N GLY A 165 22.05 -21.82 -1.98
CA GLY A 165 22.76 -22.95 -1.40
C GLY A 165 23.23 -22.82 0.05
N LEU A 166 23.21 -21.59 0.60
CA LEU A 166 23.65 -21.21 1.95
C LEU A 166 23.02 -22.04 3.07
N THR A 167 23.77 -22.20 4.20
CA THR A 167 23.36 -22.95 5.40
C THR A 167 22.57 -22.03 6.34
N PRO A 168 21.36 -22.42 6.80
CA PRO A 168 20.60 -21.55 7.73
C PRO A 168 21.20 -21.44 9.12
N HIS A 169 21.44 -20.23 9.60
CA HIS A 169 22.01 -20.04 10.92
C HIS A 169 20.96 -19.63 11.98
N LEU A 170 20.67 -20.55 12.94
CA LEU A 170 19.62 -20.33 13.96
C LEU A 170 20.09 -20.36 15.41
N THR A 171 19.44 -19.57 16.27
CA THR A 171 19.74 -19.49 17.71
C THR A 171 18.54 -19.94 18.53
N MET A 172 18.76 -20.87 19.48
CA MET A 172 17.74 -21.41 20.39
C MET A 172 17.47 -20.37 21.44
N VAL A 173 16.23 -19.85 21.47
CA VAL A 173 15.83 -18.82 22.44
C VAL A 173 14.82 -19.45 23.40
N HIS A 174 15.14 -19.43 24.70
CA HIS A 174 14.28 -19.96 25.76
C HIS A 174 13.13 -19.01 26.06
N SER A 175 11.96 -19.55 26.40
CA SER A 175 10.72 -18.86 26.75
C SER A 175 10.92 -17.69 27.70
N SER A 176 11.85 -17.84 28.66
CA SER A 176 12.18 -16.84 29.68
C SER A 176 12.85 -15.60 29.09
N SER A 177 13.60 -15.78 27.99
CA SER A 177 14.32 -14.71 27.29
C SER A 177 13.38 -13.85 26.42
N ILE A 178 12.26 -14.45 25.95
CA ILE A 178 11.20 -13.85 25.13
C ILE A 178 10.28 -13.04 26.04
N LEU A 179 9.85 -13.61 27.19
CA LEU A 179 9.04 -12.94 28.19
C LEU A 179 9.84 -11.76 28.76
N ALA A 180 11.18 -11.88 28.80
CA ALA A 180 12.06 -10.80 29.26
C ALA A 180 11.91 -9.64 28.28
N MET A 181 11.82 -9.92 26.95
CA MET A 181 11.58 -8.91 25.90
C MET A 181 10.20 -8.30 26.12
N ARG A 182 9.15 -9.15 26.33
CA ARG A 182 7.79 -8.70 26.62
C ARG A 182 7.75 -7.75 27.80
N ASP A 183 8.44 -8.09 28.88
CA ASP A 183 8.45 -7.29 30.09
C ASP A 183 9.22 -6.00 29.98
N GLU A 184 10.36 -6.00 29.25
CA GLU A 184 11.20 -4.81 29.10
C GLU A 184 10.59 -3.77 28.14
N GLN A 185 9.59 -4.20 27.36
CA GLN A 185 8.89 -3.41 26.34
C GLN A 185 7.49 -2.90 26.78
N SER A 186 7.27 -2.68 28.08
CA SER A 186 6.01 -2.19 28.65
C SER A 186 5.68 -0.71 28.34
N ASN A 187 4.38 -0.34 28.43
CA ASN A 187 3.82 1.00 28.17
C ASN A 187 3.99 1.90 29.40
N SER A 211 -37.77 15.75 13.93
CA SER A 211 -37.46 14.58 13.11
C SER A 211 -37.17 14.98 11.67
N LEU A 212 -36.07 14.44 11.10
CA LEU A 212 -35.59 14.68 9.74
C LEU A 212 -36.64 14.34 8.66
N TRP A 213 -37.23 13.12 8.73
CA TRP A 213 -38.20 12.62 7.75
C TRP A 213 -39.56 13.36 7.73
N SER A 214 -39.66 14.50 8.42
CA SER A 214 -40.85 15.37 8.44
C SER A 214 -40.44 16.83 8.16
N LEU A 215 -39.52 17.00 7.20
CA LEU A 215 -38.97 18.26 6.71
C LEU A 215 -38.93 18.15 5.17
N GLU A 216 -40.12 18.29 4.55
CA GLU A 216 -40.37 18.15 3.10
C GLU A 216 -39.85 19.31 2.23
N GLN A 217 -39.47 20.45 2.84
CA GLN A 217 -39.02 21.64 2.11
C GLN A 217 -37.70 21.42 1.36
N PRO A 218 -37.50 22.07 0.18
CA PRO A 218 -36.24 21.87 -0.58
C PRO A 218 -35.02 22.42 0.13
N PHE A 219 -33.89 21.67 0.08
CA PHE A 219 -32.61 22.08 0.70
C PHE A 219 -32.14 23.40 0.09
N SER A 220 -31.60 24.27 0.96
CA SER A 220 -31.15 25.60 0.57
C SER A 220 -30.09 26.15 1.49
N ILE A 221 -29.15 26.92 0.93
CA ILE A 221 -28.09 27.62 1.66
C ILE A 221 -28.03 29.08 1.22
N GLU A 222 -27.42 29.93 2.03
CA GLU A 222 -27.25 31.32 1.64
C GLU A 222 -25.77 31.54 1.31
N LEU A 223 -25.45 31.74 0.01
CA LEU A 223 -24.08 32.05 -0.39
C LEU A 223 -23.91 33.55 -0.11
N ILE A 224 -23.31 33.88 1.04
CA ILE A 224 -23.08 35.25 1.48
C ILE A 224 -22.02 35.92 0.57
N GLU A 225 -20.73 35.64 0.79
CA GLU A 225 -19.67 36.27 -0.01
C GLU A 225 -18.42 35.38 -0.17
N GLY A 226 -17.46 35.87 -0.95
CA GLY A 226 -16.17 35.23 -1.18
C GLY A 226 -15.06 36.13 -0.68
N ARG A 227 -13.98 35.55 -0.15
CA ARG A 227 -12.85 36.29 0.39
C ARG A 227 -11.50 35.86 -0.19
N LYS A 228 -10.56 36.82 -0.33
CA LYS A 228 -9.17 36.65 -0.78
C LYS A 228 -9.01 36.01 -2.17
N VAL A 229 -9.98 36.19 -3.06
CA VAL A 229 -9.89 35.54 -4.38
C VAL A 229 -8.92 36.32 -5.30
N ASN A 230 -8.17 35.55 -6.12
CA ASN A 230 -7.19 36.09 -7.04
C ASN A 230 -7.46 35.60 -8.46
N ALA A 231 -7.96 36.50 -9.31
CA ALA A 231 -8.33 36.24 -10.70
C ALA A 231 -8.18 37.47 -11.57
N ASP A 232 -8.27 37.26 -12.91
CA ASP A 232 -8.19 38.33 -13.91
C ASP A 232 -9.39 39.24 -13.77
N GLU A 233 -9.14 40.53 -13.45
CA GLU A 233 -10.12 41.62 -13.24
C GLU A 233 -11.10 41.84 -14.40
N ARG A 234 -10.74 41.33 -15.59
CA ARG A 234 -11.50 41.43 -16.84
C ARG A 234 -12.81 40.61 -16.79
N MET A 235 -12.72 39.38 -16.22
CA MET A 235 -13.74 38.35 -16.08
C MET A 235 -14.67 38.51 -14.86
N LYS A 236 -15.70 37.61 -14.74
CA LYS A 236 -16.68 37.52 -13.65
C LYS A 236 -16.51 36.20 -12.87
N LEU A 237 -16.87 36.20 -11.56
CA LEU A 237 -16.76 35.05 -10.63
C LEU A 237 -18.09 34.34 -10.46
N VAL A 238 -18.11 33.02 -10.71
CA VAL A 238 -19.32 32.19 -10.61
C VAL A 238 -19.05 31.06 -9.62
N VAL A 239 -19.97 30.82 -8.67
CA VAL A 239 -19.85 29.75 -7.68
C VAL A 239 -20.82 28.63 -8.05
N GLN A 240 -20.25 27.46 -8.34
CA GLN A 240 -21.03 26.27 -8.67
C GLN A 240 -21.00 25.33 -7.48
N ALA A 241 -22.17 25.08 -6.90
CA ALA A 241 -22.38 24.15 -5.79
C ALA A 241 -23.07 22.91 -6.32
N GLY A 242 -22.82 21.78 -5.70
CA GLY A 242 -23.43 20.51 -6.05
C GLY A 242 -23.61 19.61 -4.84
N LEU A 243 -24.72 18.86 -4.80
CA LEU A 243 -24.98 17.91 -3.71
C LEU A 243 -24.67 16.51 -4.20
N PHE A 244 -23.68 15.87 -3.55
CA PHE A 244 -23.17 14.56 -3.90
C PHE A 244 -23.24 13.50 -2.80
N HIS A 245 -23.38 12.26 -3.25
CA HIS A 245 -23.29 11.03 -2.44
C HIS A 245 -22.15 10.26 -3.10
N GLY A 246 -20.93 10.70 -2.82
CA GLY A 246 -19.73 10.17 -3.42
C GLY A 246 -19.52 10.78 -4.78
N ASN A 247 -19.58 9.97 -5.84
CA ASN A 247 -19.43 10.40 -7.24
C ASN A 247 -20.79 10.74 -7.86
N GLU A 248 -21.86 10.12 -7.35
CA GLU A 248 -23.19 10.35 -7.88
C GLU A 248 -23.83 11.61 -7.31
N MET A 249 -24.47 12.37 -8.21
CA MET A 249 -25.17 13.59 -7.81
C MET A 249 -26.48 13.19 -7.16
N LEU A 250 -26.85 13.87 -6.08
CA LEU A 250 -28.12 13.67 -5.38
C LEU A 250 -29.23 14.42 -6.14
N CYS A 251 -28.85 15.56 -6.71
CA CYS A 251 -29.68 16.41 -7.56
C CYS A 251 -28.73 17.12 -8.53
N LYS A 252 -29.28 17.78 -9.57
CA LYS A 252 -28.50 18.53 -10.58
C LYS A 252 -27.64 19.67 -9.92
N THR A 253 -26.62 20.16 -10.64
CA THR A 253 -25.78 21.25 -10.09
C THR A 253 -26.46 22.60 -10.30
N VAL A 254 -26.04 23.61 -9.52
CA VAL A 254 -26.50 24.99 -9.59
C VAL A 254 -25.31 25.93 -9.64
N SER A 255 -25.41 27.00 -10.43
CA SER A 255 -24.37 28.02 -10.52
C SER A 255 -24.93 29.35 -10.03
N SER A 256 -24.06 30.20 -9.49
CA SER A 256 -24.45 31.51 -8.95
C SER A 256 -24.55 32.54 -10.07
N SER A 257 -24.86 33.80 -9.70
CA SER A 257 -24.90 34.92 -10.65
C SER A 257 -23.45 35.37 -10.90
N GLU A 258 -23.17 35.86 -12.12
CA GLU A 258 -21.84 36.33 -12.51
C GLU A 258 -21.54 37.70 -11.84
N VAL A 259 -20.69 37.67 -10.81
CA VAL A 259 -20.25 38.81 -9.99
C VAL A 259 -18.80 39.18 -10.36
N ASN A 260 -18.56 40.45 -10.77
CA ASN A 260 -17.26 41.02 -11.20
C ASN A 260 -16.05 40.59 -10.38
N VAL A 261 -14.90 40.32 -11.07
CA VAL A 261 -13.68 39.93 -10.37
C VAL A 261 -13.16 41.10 -9.52
N CYS A 262 -12.83 40.74 -8.26
CA CYS A 262 -12.28 41.56 -7.18
C CYS A 262 -11.95 40.59 -6.05
N SER A 263 -11.02 40.97 -5.15
CA SER A 263 -10.54 40.15 -4.04
C SER A 263 -11.66 39.65 -3.11
N GLU A 264 -12.65 40.52 -2.84
CA GLU A 264 -13.75 40.22 -1.94
C GLU A 264 -15.13 40.26 -2.65
N PRO A 265 -15.47 39.22 -3.45
CA PRO A 265 -16.79 39.21 -4.12
C PRO A 265 -17.92 39.02 -3.10
N VAL A 266 -19.12 39.55 -3.43
CA VAL A 266 -20.32 39.49 -2.56
C VAL A 266 -21.54 38.99 -3.37
N TRP A 267 -22.29 38.01 -2.82
CA TRP A 267 -23.50 37.45 -3.47
C TRP A 267 -24.80 37.70 -2.66
N LYS A 268 -24.83 37.22 -1.38
CA LYS A 268 -25.93 37.30 -0.42
C LYS A 268 -27.23 36.74 -1.01
N GLN A 269 -27.10 35.65 -1.79
CA GLN A 269 -28.22 35.03 -2.48
C GLN A 269 -28.47 33.58 -2.05
N ARG A 270 -29.75 33.20 -2.08
CA ARG A 270 -30.28 31.89 -1.74
C ARG A 270 -29.98 30.88 -2.85
N LEU A 271 -29.54 29.69 -2.46
CA LEU A 271 -29.25 28.59 -3.37
C LEU A 271 -30.24 27.46 -3.05
N GLU A 272 -31.22 27.23 -3.94
CA GLU A 272 -32.24 26.20 -3.74
C GLU A 272 -31.94 24.94 -4.57
N PHE A 273 -31.70 23.82 -3.86
CA PHE A 273 -31.40 22.49 -4.44
C PHE A 273 -32.65 21.67 -4.67
N ASP A 274 -32.61 20.77 -5.67
CA ASP A 274 -33.76 19.93 -6.03
C ASP A 274 -33.76 18.60 -5.25
N ILE A 275 -33.96 18.72 -3.92
CA ILE A 275 -34.01 17.63 -2.94
C ILE A 275 -34.58 18.17 -1.62
N SER A 276 -35.52 17.43 -1.01
CA SER A 276 -36.11 17.77 0.29
C SER A 276 -35.06 17.53 1.37
N VAL A 277 -35.13 18.24 2.52
CA VAL A 277 -34.19 18.04 3.63
C VAL A 277 -34.41 16.66 4.31
N CYS A 278 -35.60 16.04 4.04
CA CYS A 278 -35.97 14.72 4.56
C CYS A 278 -35.33 13.63 3.74
N ASP A 279 -35.02 13.93 2.45
CA ASP A 279 -34.41 13.03 1.47
C ASP A 279 -32.88 12.98 1.50
N LEU A 280 -32.22 13.94 2.18
CA LEU A 280 -30.76 14.04 2.26
C LEU A 280 -30.11 12.85 3.02
N PRO A 281 -29.23 12.04 2.36
CA PRO A 281 -28.62 10.91 3.09
C PRO A 281 -27.53 11.36 4.08
N ARG A 282 -27.28 10.53 5.10
CA ARG A 282 -26.32 10.73 6.18
C ARG A 282 -24.96 11.19 5.69
N MET A 283 -24.51 10.62 4.55
CA MET A 283 -23.20 10.89 3.96
C MET A 283 -23.23 11.89 2.78
N ALA A 284 -24.29 12.73 2.70
CA ALA A 284 -24.44 13.79 1.70
C ALA A 284 -23.40 14.89 1.92
N ARG A 285 -22.65 15.22 0.86
CA ARG A 285 -21.66 16.30 0.91
C ARG A 285 -22.00 17.44 -0.05
N LEU A 286 -21.96 18.66 0.49
CA LEU A 286 -22.23 19.91 -0.24
C LEU A 286 -20.88 20.35 -0.78
N CYS A 287 -20.80 20.45 -2.11
CA CYS A 287 -19.55 20.77 -2.82
C CYS A 287 -19.64 22.09 -3.51
N PHE A 288 -18.53 22.84 -3.52
CA PHE A 288 -18.44 24.16 -4.14
C PHE A 288 -17.26 24.28 -5.08
N ALA A 289 -17.36 25.17 -6.08
CA ALA A 289 -16.30 25.44 -7.04
C ALA A 289 -16.37 26.87 -7.53
N LEU A 290 -15.47 27.72 -7.01
CA LEU A 290 -15.33 29.11 -7.39
C LEU A 290 -14.56 29.10 -8.70
N TYR A 291 -15.00 29.86 -9.70
CA TYR A 291 -14.31 29.90 -11.00
C TYR A 291 -14.64 31.15 -11.79
N ALA A 292 -13.63 31.69 -12.47
CA ALA A 292 -13.73 32.88 -13.28
C ALA A 292 -14.09 32.51 -14.72
N VAL A 293 -14.88 33.39 -15.38
CA VAL A 293 -15.30 33.16 -16.76
C VAL A 293 -15.43 34.49 -17.54
N VAL A 294 -15.29 34.40 -18.89
CA VAL A 294 -15.40 35.50 -19.86
C VAL A 294 -16.89 35.78 -20.08
N ASP A 311 -13.74 29.00 -19.57
CA ASP A 311 -13.66 28.65 -18.16
C ASP A 311 -12.27 28.84 -17.56
N CYS A 312 -12.20 29.00 -16.22
CA CYS A 312 -10.96 29.18 -15.47
C CYS A 312 -11.11 28.77 -13.99
N PRO A 313 -10.67 27.54 -13.58
CA PRO A 313 -10.82 27.14 -12.16
C PRO A 313 -9.92 27.95 -11.24
N ILE A 314 -10.43 28.27 -10.04
CA ILE A 314 -9.69 29.05 -9.04
C ILE A 314 -9.55 28.21 -7.76
N ALA A 315 -10.69 27.90 -7.12
CA ALA A 315 -10.72 27.13 -5.89
C ALA A 315 -11.98 26.28 -5.73
N TRP A 316 -11.94 25.27 -4.85
CA TRP A 316 -13.04 24.37 -4.52
C TRP A 316 -13.03 24.15 -3.01
N ALA A 317 -14.16 23.61 -2.46
CA ALA A 317 -14.29 23.27 -1.04
C ALA A 317 -15.54 22.47 -0.86
N ASN A 318 -15.50 21.48 0.02
CA ASN A 318 -16.63 20.60 0.33
C ASN A 318 -16.81 20.50 1.85
N LEU A 319 -18.02 20.15 2.27
CA LEU A 319 -18.38 19.94 3.68
C LEU A 319 -19.48 18.87 3.74
N MET A 320 -19.62 18.20 4.90
CA MET A 320 -20.65 17.19 5.15
C MET A 320 -21.82 17.91 5.81
N LEU A 321 -23.03 17.79 5.25
CA LEU A 321 -24.27 18.44 5.74
C LEU A 321 -24.67 18.06 7.16
N PHE A 322 -24.16 16.93 7.65
CA PHE A 322 -24.34 16.40 8.99
C PHE A 322 -22.95 16.34 9.65
N ASP A 323 -22.90 16.73 10.94
CA ASP A 323 -21.69 16.67 11.75
C ASP A 323 -21.38 15.22 12.14
N TYR A 324 -20.33 15.01 12.97
CA TYR A 324 -19.86 13.71 13.45
C TYR A 324 -20.76 13.09 14.57
N LYS A 325 -21.78 13.86 15.06
CA LYS A 325 -22.76 13.39 16.07
C LYS A 325 -24.17 13.27 15.47
N ASP A 326 -24.22 13.06 14.13
CA ASP A 326 -25.42 12.83 13.31
C ASP A 326 -26.34 14.04 13.22
N GLN A 327 -25.90 15.17 13.76
CA GLN A 327 -26.69 16.40 13.78
C GLN A 327 -26.56 17.18 12.50
N LEU A 328 -27.69 17.61 11.94
CA LEU A 328 -27.74 18.46 10.76
C LEU A 328 -27.09 19.80 11.17
N LYS A 329 -26.22 20.32 10.32
CA LYS A 329 -25.47 21.54 10.59
C LYS A 329 -26.29 22.82 10.38
N THR A 330 -26.19 23.79 11.30
CA THR A 330 -26.84 25.11 11.20
C THR A 330 -25.87 26.25 11.56
N GLY A 331 -26.20 27.47 11.16
CA GLY A 331 -25.38 28.66 11.39
C GLY A 331 -24.46 29.00 10.24
N GLU A 332 -23.67 30.10 10.39
CA GLU A 332 -22.74 30.56 9.35
C GLU A 332 -21.53 29.64 9.25
N ARG A 333 -21.04 29.43 8.02
CA ARG A 333 -19.90 28.57 7.76
C ARG A 333 -18.85 29.23 6.86
N CYS A 334 -17.61 29.36 7.38
CA CYS A 334 -16.52 29.91 6.56
C CYS A 334 -15.75 28.75 5.96
N LEU A 335 -15.62 28.72 4.63
CA LEU A 335 -14.95 27.60 3.94
C LEU A 335 -13.56 27.96 3.43
N TYR A 336 -12.53 27.43 4.10
CA TYR A 336 -11.14 27.70 3.72
C TYR A 336 -10.80 26.81 2.52
N MET A 337 -10.80 27.45 1.33
CA MET A 337 -10.72 26.83 0.02
C MET A 337 -9.37 26.31 -0.39
N TRP A 338 -9.40 25.22 -1.15
CA TRP A 338 -8.20 24.60 -1.70
C TRP A 338 -8.07 25.10 -3.14
N PRO A 339 -6.84 25.38 -3.62
CA PRO A 339 -6.71 25.90 -4.99
C PRO A 339 -6.74 24.81 -6.05
N SER A 340 -7.60 25.03 -7.05
CA SER A 340 -7.91 24.12 -8.16
C SER A 340 -6.82 24.05 -9.21
N VAL A 341 -6.83 22.92 -9.99
CA VAL A 341 -5.96 22.58 -11.12
C VAL A 341 -4.48 22.52 -10.71
N LEU A 348 -14.61 20.88 -12.56
CA LEU A 348 -14.41 21.96 -11.57
C LEU A 348 -14.88 21.51 -10.17
N LEU A 349 -16.06 20.87 -10.10
CA LEU A 349 -16.64 20.35 -8.86
C LEU A 349 -15.87 19.09 -8.47
N ASN A 350 -15.36 19.05 -7.21
CA ASN A 350 -14.51 17.96 -6.73
C ASN A 350 -15.17 17.16 -5.58
N PRO A 351 -16.12 16.22 -5.86
CA PRO A 351 -16.77 15.50 -4.76
C PRO A 351 -15.84 14.65 -3.88
N ALA A 352 -14.84 14.00 -4.49
CA ALA A 352 -13.87 13.14 -3.79
C ALA A 352 -12.92 13.86 -2.83
N GLY A 353 -12.75 15.18 -3.02
CA GLY A 353 -11.88 16.01 -2.20
C GLY A 353 -12.27 16.01 -0.74
N THR A 354 -11.30 16.36 0.15
CA THR A 354 -11.54 16.38 1.59
C THR A 354 -12.66 17.34 1.98
N VAL A 355 -13.37 17.00 3.06
CA VAL A 355 -14.48 17.79 3.59
C VAL A 355 -14.02 18.69 4.75
N ARG A 356 -12.71 18.85 4.92
CA ARG A 356 -12.15 19.74 5.93
C ARG A 356 -11.49 20.92 5.22
N GLY A 357 -11.52 22.08 5.85
CA GLY A 357 -10.98 23.30 5.28
C GLY A 357 -9.48 23.38 5.22
N ASN A 358 -8.96 24.09 4.20
CA ASN A 358 -7.54 24.37 3.99
C ASN A 358 -6.93 24.98 5.26
N PRO A 359 -5.86 24.37 5.85
CA PRO A 359 -5.28 24.94 7.09
C PRO A 359 -4.65 26.34 6.97
N ASN A 360 -4.13 26.68 5.78
CA ASN A 360 -3.52 27.97 5.45
C ASN A 360 -4.57 29.11 5.26
N THR A 361 -5.13 29.60 6.37
CA THR A 361 -6.16 30.66 6.41
C THR A 361 -5.67 32.04 5.88
N GLU A 362 -4.37 32.36 6.05
CA GLU A 362 -3.72 33.61 5.62
C GLU A 362 -3.72 33.82 4.10
N SER A 363 -3.46 32.76 3.31
CA SER A 363 -3.37 32.87 1.85
C SER A 363 -4.62 32.38 1.09
N ALA A 364 -5.21 31.23 1.50
CA ALA A 364 -6.40 30.61 0.88
C ALA A 364 -7.67 31.47 0.80
N ALA A 365 -8.47 31.23 -0.27
CA ALA A 365 -9.77 31.85 -0.54
C ALA A 365 -10.81 31.36 0.46
N ALA A 366 -11.77 32.23 0.84
CA ALA A 366 -12.79 31.84 1.82
C ALA A 366 -14.22 32.25 1.48
N LEU A 367 -15.06 31.28 1.08
CA LEU A 367 -16.47 31.48 0.80
C LEU A 367 -17.24 31.37 2.11
N VAL A 368 -18.17 32.30 2.35
CA VAL A 368 -19.04 32.30 3.52
C VAL A 368 -20.43 31.87 3.11
N ILE A 369 -20.89 30.78 3.70
CA ILE A 369 -22.21 30.19 3.46
C ILE A 369 -23.03 30.24 4.76
N TYR A 370 -24.32 29.88 4.69
CA TYR A 370 -25.19 29.87 5.85
C TYR A 370 -26.20 28.74 5.75
N LEU A 371 -25.98 27.66 6.53
CA LEU A 371 -26.91 26.55 6.60
C LEU A 371 -28.05 26.99 7.54
N PRO A 372 -29.26 27.27 7.02
CA PRO A 372 -30.32 27.78 7.90
C PRO A 372 -30.98 26.76 8.81
N GLU A 373 -31.61 27.26 9.88
CA GLU A 373 -32.31 26.43 10.86
C GLU A 373 -33.63 25.96 10.26
N VAL A 374 -33.64 24.70 9.78
CA VAL A 374 -34.80 24.05 9.16
C VAL A 374 -35.89 23.74 10.19
N ALA A 375 -35.53 23.76 11.50
CA ALA A 375 -36.41 23.48 12.64
C ALA A 375 -36.05 24.33 13.89
N PRO A 376 -36.94 24.48 14.90
CA PRO A 376 -36.56 25.28 16.08
C PRO A 376 -35.76 24.51 17.15
N HIS A 377 -35.55 23.19 16.94
CA HIS A 377 -34.82 22.31 17.85
C HIS A 377 -33.79 21.47 17.07
N PRO A 378 -32.67 21.00 17.69
CA PRO A 378 -31.72 20.16 16.95
C PRO A 378 -32.36 18.94 16.28
N VAL A 379 -31.87 18.61 15.07
CA VAL A 379 -32.37 17.49 14.27
C VAL A 379 -31.20 16.54 14.02
N TYR A 380 -31.36 15.27 14.43
CA TYR A 380 -30.35 14.21 14.28
C TYR A 380 -30.77 13.25 13.17
N PHE A 381 -29.80 12.53 12.55
CA PHE A 381 -30.16 11.55 11.53
C PHE A 381 -30.88 10.40 12.26
N PRO A 382 -32.07 9.96 11.80
CA PRO A 382 -32.79 8.89 12.52
C PRO A 382 -31.92 7.67 12.84
N ALA A 383 -32.04 7.15 14.07
CA ALA A 383 -31.30 5.98 14.57
C ALA A 383 -31.74 4.73 13.80
N LEU A 384 -30.83 3.74 13.72
CA LEU A 384 -30.99 2.45 13.03
C LEU A 384 -32.32 1.74 13.32
N GLU A 385 -32.79 1.79 14.60
CA GLU A 385 -34.07 1.22 15.06
C GLU A 385 -35.28 1.80 14.28
N LYS A 386 -35.29 3.14 14.03
CA LYS A 386 -36.33 3.82 13.25
C LYS A 386 -36.12 3.56 11.75
N ILE A 387 -34.84 3.43 11.30
CA ILE A 387 -34.44 3.17 9.90
C ILE A 387 -34.93 1.79 9.46
N LEU A 388 -34.56 0.74 10.23
CA LEU A 388 -34.91 -0.66 9.98
C LEU A 388 -36.42 -0.88 10.03
N GLU A 389 -37.13 -0.08 10.87
CA GLU A 389 -38.59 -0.10 11.03
C GLU A 389 -39.28 0.44 9.78
N LEU A 390 -38.72 1.53 9.17
CA LEU A 390 -39.28 2.12 7.95
C LEU A 390 -39.12 1.15 6.76
N GLY A 391 -37.89 0.64 6.57
CA GLY A 391 -37.52 -0.30 5.51
C GLY A 391 -38.07 -1.70 5.66
N ARG A 392 -38.68 -2.01 6.83
CA ARG A 392 -39.29 -3.30 7.17
C ARG A 392 -40.54 -3.57 6.31
N HIS A 393 -41.13 -2.50 5.75
CA HIS A 393 -42.36 -2.59 4.97
C HIS A 393 -42.16 -2.51 3.47
N GLY A 394 -42.96 -3.27 2.74
CA GLY A 394 -42.92 -3.33 1.28
C GLY A 394 -43.23 -4.68 0.67
N GLU A 395 -43.31 -4.68 -0.67
CA GLU A 395 -43.58 -5.82 -1.56
C GLU A 395 -42.27 -6.44 -2.05
N ARG A 396 -42.23 -7.79 -2.13
CA ARG A 396 -41.09 -8.59 -2.63
C ARG A 396 -41.16 -8.71 -4.17
N GLY A 397 -40.19 -9.38 -4.77
CA GLY A 397 -40.10 -9.53 -6.22
C GLY A 397 -40.74 -10.77 -6.84
N ARG A 398 -42.02 -10.66 -7.22
CA ARG A 398 -42.78 -11.73 -7.88
C ARG A 398 -42.48 -11.67 -9.39
N ILE A 399 -41.37 -12.33 -9.81
CA ILE A 399 -40.88 -12.35 -11.19
C ILE A 399 -41.02 -13.74 -11.83
N THR A 400 -41.32 -13.78 -13.14
CA THR A 400 -41.47 -15.04 -13.89
C THR A 400 -40.11 -15.60 -14.28
N GLU A 401 -40.02 -16.94 -14.46
CA GLU A 401 -38.82 -17.72 -14.82
C GLU A 401 -37.93 -17.05 -15.89
N GLU A 402 -38.56 -16.44 -16.90
CA GLU A 402 -37.89 -15.75 -18.00
C GLU A 402 -37.18 -14.45 -17.55
N GLU A 403 -37.78 -13.68 -16.59
CA GLU A 403 -37.18 -12.46 -16.04
C GLU A 403 -36.13 -12.82 -14.98
N GLN A 404 -36.29 -14.01 -14.35
CA GLN A 404 -35.37 -14.57 -13.35
C GLN A 404 -34.08 -14.99 -14.07
N LEU A 405 -34.21 -15.40 -15.35
CA LEU A 405 -33.12 -15.76 -16.26
C LEU A 405 -32.40 -14.47 -16.69
N GLN A 406 -33.19 -13.41 -16.99
CA GLN A 406 -32.72 -12.09 -17.39
C GLN A 406 -32.00 -11.40 -16.22
N LEU A 407 -32.48 -11.63 -14.98
CA LEU A 407 -31.90 -11.11 -13.73
C LEU A 407 -30.55 -11.76 -13.53
N ARG A 408 -30.49 -13.10 -13.70
CA ARG A 408 -29.29 -13.91 -13.58
C ARG A 408 -28.25 -13.52 -14.63
N GLU A 409 -28.69 -12.96 -15.78
CA GLU A 409 -27.81 -12.52 -16.86
C GLU A 409 -27.03 -11.27 -16.47
N ILE A 410 -27.73 -10.25 -15.92
CA ILE A 410 -27.13 -8.98 -15.48
C ILE A 410 -26.41 -9.11 -14.13
N LEU A 411 -26.91 -9.96 -13.20
CA LEU A 411 -26.28 -10.18 -11.90
C LEU A 411 -24.98 -11.01 -11.98
N GLU A 412 -24.78 -11.70 -13.11
CA GLU A 412 -23.57 -12.50 -13.38
C GLU A 412 -22.65 -11.79 -14.36
N ARG A 413 -23.12 -10.67 -14.95
CA ARG A 413 -22.40 -9.88 -15.93
C ARG A 413 -21.24 -9.11 -15.32
N GLU A 418 -22.17 -1.81 -15.80
CA GLU A 418 -22.93 -0.84 -16.58
C GLU A 418 -24.20 -1.47 -17.15
N LEU A 419 -25.38 -0.86 -16.86
CA LEU A 419 -26.69 -1.37 -17.30
C LEU A 419 -27.69 -0.24 -17.60
N TYR A 420 -28.71 -0.53 -18.43
CA TYR A 420 -29.74 0.45 -18.80
C TYR A 420 -30.69 0.75 -17.63
N GLU A 421 -31.49 1.83 -17.76
CA GLU A 421 -32.45 2.29 -16.75
C GLU A 421 -33.48 1.21 -16.38
N HIS A 422 -34.00 0.45 -17.38
CA HIS A 422 -34.95 -0.66 -17.16
C HIS A 422 -34.28 -1.84 -16.42
N GLU A 423 -32.96 -2.06 -16.65
CA GLU A 423 -32.18 -3.12 -16.02
C GLU A 423 -31.93 -2.85 -14.54
N LYS A 424 -31.86 -1.55 -14.16
CA LYS A 424 -31.70 -1.08 -12.78
C LYS A 424 -33.02 -1.28 -12.02
N ASP A 425 -34.17 -1.23 -12.74
CA ASP A 425 -35.52 -1.41 -12.19
C ASP A 425 -35.77 -2.88 -11.85
N LEU A 426 -35.11 -3.81 -12.58
CA LEU A 426 -35.25 -5.25 -12.35
C LEU A 426 -34.43 -5.72 -11.14
N VAL A 427 -33.28 -5.08 -10.88
CA VAL A 427 -32.42 -5.36 -9.74
C VAL A 427 -33.16 -4.92 -8.46
N TRP A 428 -33.66 -3.67 -8.47
CA TRP A 428 -34.36 -3.05 -7.35
C TRP A 428 -35.64 -3.81 -6.93
N LYS A 429 -36.46 -4.26 -7.90
CA LYS A 429 -37.68 -5.02 -7.63
C LYS A 429 -37.31 -6.34 -6.96
N MET A 430 -36.27 -7.00 -7.49
CA MET A 430 -35.75 -8.30 -7.02
C MET A 430 -34.77 -8.24 -5.85
N ARG A 431 -34.61 -7.07 -5.17
CA ARG A 431 -33.69 -6.86 -4.05
C ARG A 431 -33.67 -7.98 -2.96
N HIS A 432 -34.74 -8.77 -2.83
CA HIS A 432 -34.78 -9.87 -1.86
C HIS A 432 -34.11 -11.13 -2.42
N GLU A 433 -34.30 -11.40 -3.72
CA GLU A 433 -33.65 -12.51 -4.42
C GLU A 433 -32.15 -12.25 -4.57
N VAL A 434 -31.78 -10.95 -4.62
CA VAL A 434 -30.40 -10.48 -4.67
C VAL A 434 -29.77 -10.88 -3.33
N GLN A 435 -30.41 -10.53 -2.20
CA GLN A 435 -29.96 -10.88 -0.86
C GLN A 435 -29.88 -12.40 -0.67
N GLU A 436 -30.99 -13.12 -0.98
CA GLU A 436 -31.11 -14.57 -0.86
C GLU A 436 -30.18 -15.40 -1.75
N HIS A 437 -30.28 -15.27 -3.08
CA HIS A 437 -29.56 -16.16 -4.01
C HIS A 437 -28.33 -15.58 -4.72
N PHE A 438 -28.09 -14.25 -4.66
CA PHE A 438 -26.89 -13.64 -5.28
C PHE A 438 -26.27 -12.61 -4.30
N PRO A 439 -25.88 -13.00 -3.05
CA PRO A 439 -25.39 -11.98 -2.09
C PRO A 439 -24.13 -11.22 -2.48
N GLU A 440 -23.27 -11.83 -3.29
CA GLU A 440 -22.01 -11.26 -3.77
C GLU A 440 -22.23 -10.17 -4.81
N ALA A 441 -23.49 -9.95 -5.20
CA ALA A 441 -23.95 -8.95 -6.17
C ALA A 441 -24.50 -7.73 -5.42
N LEU A 442 -24.12 -7.58 -4.13
CA LEU A 442 -24.49 -6.47 -3.26
C LEU A 442 -24.09 -5.12 -3.84
N ALA A 443 -22.82 -4.96 -4.22
CA ALA A 443 -22.31 -3.71 -4.79
C ALA A 443 -23.18 -3.22 -5.97
N ARG A 444 -23.60 -4.13 -6.91
CA ARG A 444 -24.46 -3.77 -8.04
C ARG A 444 -25.84 -3.28 -7.56
N LEU A 445 -26.35 -3.84 -6.44
CA LEU A 445 -27.62 -3.43 -5.86
C LEU A 445 -27.48 -2.05 -5.17
N LEU A 446 -26.32 -1.81 -4.53
CA LEU A 446 -26.03 -0.53 -3.90
C LEU A 446 -25.86 0.58 -4.95
N LEU A 447 -25.53 0.21 -6.20
CA LEU A 447 -25.40 1.14 -7.30
C LEU A 447 -26.74 1.51 -7.95
N VAL A 448 -27.77 0.63 -7.85
CA VAL A 448 -29.07 0.94 -8.43
C VAL A 448 -29.93 1.79 -7.47
N THR A 449 -29.64 1.75 -6.14
CA THR A 449 -30.38 2.48 -5.10
C THR A 449 -30.40 3.98 -5.35
N LYS A 450 -31.58 4.59 -5.20
CA LYS A 450 -31.77 6.04 -5.36
C LYS A 450 -31.39 6.60 -4.00
N TRP A 451 -30.11 6.97 -3.84
CA TRP A 451 -29.62 7.47 -2.56
C TRP A 451 -30.19 8.86 -2.21
N ASN A 452 -31.04 9.45 -3.11
CA ASN A 452 -31.74 10.74 -2.94
C ASN A 452 -33.22 10.56 -2.49
N LYS A 453 -33.58 9.33 -2.06
CA LYS A 453 -34.91 8.97 -1.56
C LYS A 453 -34.70 8.16 -0.28
N HIS A 454 -35.21 8.67 0.86
CA HIS A 454 -35.00 8.05 2.19
C HIS A 454 -35.67 6.68 2.39
N GLU A 455 -36.85 6.44 1.77
CA GLU A 455 -37.58 5.18 1.85
C GLU A 455 -36.78 4.09 1.10
N ASP A 456 -36.16 4.45 -0.04
CA ASP A 456 -35.35 3.56 -0.87
C ASP A 456 -34.08 3.14 -0.15
N VAL A 457 -33.42 4.13 0.54
CA VAL A 457 -32.20 3.96 1.33
C VAL A 457 -32.46 3.04 2.53
N ALA A 458 -33.62 3.20 3.22
CA ALA A 458 -34.09 2.41 4.37
C ALA A 458 -34.41 0.97 3.96
N GLN A 459 -35.11 0.76 2.81
CA GLN A 459 -35.42 -0.58 2.30
C GLN A 459 -34.10 -1.32 2.03
N MET A 460 -33.12 -0.61 1.43
CA MET A 460 -31.77 -1.08 1.10
C MET A 460 -30.97 -1.37 2.38
N LEU A 461 -31.01 -0.45 3.37
CA LEU A 461 -30.30 -0.61 4.64
C LEU A 461 -30.97 -1.62 5.58
N TYR A 462 -32.12 -2.18 5.18
CA TYR A 462 -32.82 -3.22 5.92
C TYR A 462 -32.28 -4.57 5.48
N LEU A 463 -31.94 -4.65 4.20
CA LEU A 463 -31.36 -5.84 3.60
C LEU A 463 -29.89 -5.94 4.00
N LEU A 464 -29.22 -4.78 4.14
CA LEU A 464 -27.79 -4.75 4.49
C LEU A 464 -27.53 -5.26 5.92
N CYS A 465 -28.48 -5.00 6.84
CA CYS A 465 -28.31 -5.43 8.23
C CYS A 465 -28.52 -6.96 8.43
N SER A 466 -29.18 -7.61 7.47
CA SER A 466 -29.36 -9.07 7.48
C SER A 466 -28.58 -9.73 6.32
N TRP A 467 -27.71 -8.92 5.63
CA TRP A 467 -26.90 -9.39 4.50
C TRP A 467 -25.77 -10.30 4.98
N PRO A 468 -25.60 -11.52 4.42
CA PRO A 468 -24.50 -12.37 4.91
C PRO A 468 -23.13 -11.77 4.58
N GLU A 469 -22.12 -12.05 5.44
CA GLU A 469 -20.72 -11.62 5.25
C GLU A 469 -20.28 -12.04 3.84
N LEU A 470 -19.59 -11.14 3.17
CA LEU A 470 -19.11 -11.34 1.79
C LEU A 470 -17.63 -11.64 1.80
N PRO A 471 -17.07 -12.31 0.77
CA PRO A 471 -15.61 -12.56 0.77
C PRO A 471 -14.78 -11.27 0.78
N VAL A 472 -13.51 -11.41 1.14
CA VAL A 472 -12.52 -10.34 1.22
C VAL A 472 -12.46 -9.54 -0.10
N LEU A 473 -12.50 -10.26 -1.26
CA LEU A 473 -12.48 -9.65 -2.61
C LEU A 473 -13.63 -8.67 -2.78
N SER A 474 -14.87 -9.12 -2.52
CA SER A 474 -16.10 -8.29 -2.55
C SER A 474 -16.07 -7.15 -1.53
N ALA A 475 -15.53 -7.40 -0.32
CA ALA A 475 -15.42 -6.35 0.69
C ALA A 475 -14.52 -5.18 0.28
N LEU A 476 -13.42 -5.45 -0.48
CA LEU A 476 -12.45 -4.43 -0.94
C LEU A 476 -13.07 -3.44 -1.92
N GLU A 477 -13.98 -3.92 -2.79
CA GLU A 477 -14.75 -3.13 -3.77
C GLU A 477 -15.71 -2.14 -3.03
N LEU A 478 -16.32 -2.60 -1.94
CA LEU A 478 -17.26 -1.85 -1.11
C LEU A 478 -16.60 -0.68 -0.43
N LEU A 479 -15.25 -0.72 -0.31
CA LEU A 479 -14.43 0.33 0.33
C LEU A 479 -14.27 1.57 -0.54
N ASP A 480 -14.65 1.45 -1.80
CA ASP A 480 -14.55 2.48 -2.82
C ASP A 480 -15.44 3.69 -2.51
N PHE A 481 -15.10 4.85 -3.13
CA PHE A 481 -15.85 6.09 -2.97
C PHE A 481 -17.24 6.00 -3.63
N SER A 482 -17.42 5.02 -4.50
CA SER A 482 -18.69 4.68 -5.18
C SER A 482 -19.72 4.12 -4.16
N PHE A 483 -19.27 3.85 -2.91
CA PHE A 483 -20.09 3.34 -1.81
C PHE A 483 -19.87 4.25 -0.61
N PRO A 484 -20.46 5.47 -0.59
CA PRO A 484 -20.15 6.41 0.50
C PRO A 484 -20.88 6.19 1.81
N ASP A 485 -21.93 5.35 1.83
CA ASP A 485 -22.72 5.08 3.02
C ASP A 485 -21.90 4.47 4.15
N CYS A 486 -21.99 5.08 5.35
CA CYS A 486 -21.33 4.65 6.59
C CYS A 486 -21.70 3.22 6.97
N TYR A 487 -23.00 2.85 6.87
CA TYR A 487 -23.45 1.48 7.16
C TYR A 487 -22.89 0.45 6.16
N VAL A 488 -22.72 0.86 4.89
CA VAL A 488 -22.12 0.05 3.82
C VAL A 488 -20.59 -0.08 4.12
N GLY A 489 -19.95 1.02 4.56
CA GLY A 489 -18.53 1.07 4.92
C GLY A 489 -18.20 0.20 6.12
N SER A 490 -19.08 0.28 7.15
CA SER A 490 -19.07 -0.49 8.41
C SER A 490 -19.22 -1.97 8.09
N PHE A 491 -20.10 -2.31 7.10
CA PHE A 491 -20.33 -3.68 6.62
C PHE A 491 -19.08 -4.22 5.91
N ALA A 492 -18.33 -3.33 5.22
CA ALA A 492 -17.13 -3.73 4.46
C ALA A 492 -16.03 -4.18 5.42
N ILE A 493 -15.78 -3.40 6.50
CA ILE A 493 -14.80 -3.70 7.55
C ILE A 493 -15.15 -5.02 8.26
N LYS A 494 -16.45 -5.24 8.53
CA LYS A 494 -16.99 -6.45 9.16
C LYS A 494 -16.65 -7.72 8.35
N SER A 495 -16.70 -7.63 7.00
CA SER A 495 -16.34 -8.73 6.08
C SER A 495 -14.80 -8.76 5.87
N LEU A 496 -14.11 -7.69 6.24
CA LEU A 496 -12.66 -7.64 6.09
C LEU A 496 -11.93 -8.17 7.30
N ARG A 497 -12.59 -8.29 8.46
CA ARG A 497 -11.96 -8.79 9.68
C ARG A 497 -11.30 -10.18 9.51
N LYS A 498 -11.90 -11.06 8.70
CA LYS A 498 -11.37 -12.40 8.47
C LYS A 498 -10.04 -12.40 7.70
N LEU A 499 -9.61 -11.20 7.19
CA LEU A 499 -8.31 -10.96 6.49
C LEU A 499 -7.23 -11.46 7.46
N THR A 500 -6.31 -12.26 6.96
CA THR A 500 -5.20 -12.74 7.77
C THR A 500 -4.21 -11.59 7.85
N ASP A 501 -3.19 -11.69 8.69
CA ASP A 501 -2.20 -10.64 8.82
C ASP A 501 -1.39 -10.44 7.56
N ASP A 502 -1.07 -11.54 6.84
CA ASP A 502 -0.34 -11.51 5.56
C ASP A 502 -1.18 -10.83 4.45
N GLU A 503 -2.49 -11.12 4.35
CA GLU A 503 -3.38 -10.48 3.37
C GLU A 503 -3.52 -9.00 3.68
N LEU A 504 -3.74 -8.67 4.98
CA LEU A 504 -3.83 -7.27 5.44
C LEU A 504 -2.54 -6.51 5.11
N PHE A 505 -1.38 -7.15 5.28
CA PHE A 505 -0.09 -6.57 4.93
C PHE A 505 -0.01 -6.26 3.41
N GLN A 506 -0.56 -7.19 2.63
CA GLN A 506 -0.60 -7.10 1.18
C GLN A 506 -1.45 -5.91 0.72
N TYR A 507 -2.59 -5.63 1.40
CA TYR A 507 -3.49 -4.55 0.98
C TYR A 507 -3.48 -3.27 1.88
N LEU A 508 -2.57 -3.20 2.86
CA LEU A 508 -2.40 -2.09 3.82
C LEU A 508 -2.16 -0.72 3.18
N LEU A 509 -1.47 -0.68 2.04
CA LEU A 509 -1.25 0.56 1.29
C LEU A 509 -2.58 1.14 0.79
N GLN A 510 -3.48 0.31 0.23
CA GLN A 510 -4.80 0.71 -0.30
C GLN A 510 -5.74 1.18 0.85
N LEU A 511 -5.77 0.41 1.97
CA LEU A 511 -6.57 0.69 3.15
C LEU A 511 -6.18 2.05 3.81
N VAL A 512 -4.92 2.45 3.68
CA VAL A 512 -4.39 3.74 4.17
C VAL A 512 -4.84 4.87 3.21
N GLN A 513 -4.86 4.60 1.90
CA GLN A 513 -5.31 5.61 0.94
C GLN A 513 -6.82 5.88 1.05
N VAL A 514 -7.61 4.81 1.36
CA VAL A 514 -9.06 4.85 1.57
C VAL A 514 -9.42 5.84 2.73
N LEU A 515 -8.45 6.05 3.69
CA LEU A 515 -8.53 7.01 4.81
C LEU A 515 -8.73 8.42 4.29
N LYS A 516 -8.32 8.68 3.03
CA LYS A 516 -8.49 9.96 2.34
C LYS A 516 -9.93 10.19 1.77
N TYR A 517 -10.76 9.16 1.75
CA TYR A 517 -12.15 9.21 1.30
C TYR A 517 -13.07 9.44 2.48
N GLU A 518 -12.60 9.10 3.71
CA GLU A 518 -13.30 9.22 5.00
C GLU A 518 -13.78 10.63 5.23
N SER A 519 -15.00 10.73 5.74
CA SER A 519 -15.68 11.97 5.97
C SER A 519 -15.49 12.49 7.40
N TYR A 520 -15.27 11.56 8.37
CA TYR A 520 -15.07 11.88 9.78
C TYR A 520 -13.83 11.22 10.34
N LEU A 521 -13.32 11.76 11.46
CA LEU A 521 -12.10 11.25 12.09
C LEU A 521 -12.34 9.91 12.76
N ASP A 522 -13.33 9.83 13.66
CA ASP A 522 -13.64 8.58 14.35
C ASP A 522 -14.38 7.66 13.38
N CYS A 523 -13.64 6.74 12.77
CA CYS A 523 -14.24 5.79 11.84
C CYS A 523 -13.80 4.34 12.10
N GLU A 524 -14.62 3.38 11.59
CA GLU A 524 -14.44 1.93 11.71
C GLU A 524 -13.13 1.50 11.08
N LEU A 525 -12.79 2.08 9.91
CA LEU A 525 -11.55 1.81 9.18
C LEU A 525 -10.32 2.19 10.01
N THR A 526 -10.37 3.34 10.72
CA THR A 526 -9.26 3.76 11.57
C THR A 526 -9.12 2.82 12.79
N LYS A 527 -10.23 2.56 13.51
CA LYS A 527 -10.26 1.64 14.66
C LYS A 527 -9.78 0.24 14.25
N PHE A 528 -10.12 -0.20 12.99
CA PHE A 528 -9.69 -1.48 12.41
C PHE A 528 -8.18 -1.49 12.15
N LEU A 529 -7.68 -0.52 11.38
CA LEU A 529 -6.26 -0.40 11.09
C LEU A 529 -5.38 -0.28 12.36
N LEU A 530 -5.88 0.43 13.42
CA LEU A 530 -5.18 0.61 14.71
C LEU A 530 -5.18 -0.66 15.50
N GLY A 531 -6.30 -1.38 15.48
CA GLY A 531 -6.49 -2.66 16.15
C GLY A 531 -5.57 -3.74 15.63
N ARG A 532 -5.47 -3.88 14.30
CA ARG A 532 -4.57 -4.84 13.65
C ARG A 532 -3.08 -4.44 13.81
N ALA A 533 -2.80 -3.12 13.70
CA ALA A 533 -1.46 -2.54 13.92
C ALA A 533 -0.94 -2.81 15.32
N LEU A 534 -1.81 -2.73 16.35
CA LEU A 534 -1.39 -2.97 17.74
C LEU A 534 -1.30 -4.46 18.11
N ALA A 535 -1.93 -5.32 17.29
CA ALA A 535 -1.87 -6.78 17.44
C ALA A 535 -0.67 -7.35 16.66
N ASN A 536 -0.09 -6.56 15.73
CA ASN A 536 1.04 -7.00 14.89
C ASN A 536 2.04 -5.86 14.67
N ARG A 537 3.27 -6.00 15.25
CA ARG A 537 4.34 -4.98 15.21
C ARG A 537 4.82 -4.62 13.77
N LYS A 538 4.73 -5.56 12.79
CA LYS A 538 5.09 -5.29 11.40
C LYS A 538 3.97 -4.45 10.75
N ILE A 539 2.68 -4.80 10.99
CA ILE A 539 1.56 -4.02 10.44
C ILE A 539 1.66 -2.60 11.00
N GLY A 540 1.91 -2.52 12.32
CA GLY A 540 2.09 -1.28 13.06
C GLY A 540 3.20 -0.43 12.46
N HIS A 541 4.33 -1.08 12.11
CA HIS A 541 5.51 -0.51 11.47
C HIS A 541 5.17 0.18 10.12
N PHE A 542 4.55 -0.56 9.22
CA PHE A 542 4.16 -0.07 7.93
C PHE A 542 2.95 0.89 7.99
N LEU A 543 2.06 0.74 8.99
CA LEU A 543 0.93 1.67 9.15
C LEU A 543 1.51 3.04 9.44
N PHE A 544 2.46 3.11 10.37
CA PHE A 544 3.14 4.34 10.78
C PHE A 544 3.81 5.08 9.60
N TRP A 545 4.58 4.34 8.79
CA TRP A 545 5.35 4.88 7.69
C TRP A 545 4.51 5.31 6.52
N HIS A 546 3.33 4.72 6.34
CA HIS A 546 2.39 5.12 5.31
C HIS A 546 1.79 6.48 5.70
N LEU A 547 1.53 6.67 7.01
CA LEU A 547 1.02 7.92 7.60
C LEU A 547 2.12 8.98 7.64
N ARG A 548 3.31 8.65 8.23
CA ARG A 548 4.47 9.53 8.42
C ARG A 548 4.96 10.19 7.14
N SER A 549 4.93 9.43 6.04
CA SER A 549 5.37 9.85 4.72
C SER A 549 4.45 10.88 4.08
N GLU A 550 3.27 11.14 4.66
CA GLU A 550 2.30 12.08 4.06
C GLU A 550 2.00 13.29 4.91
N MET A 551 2.76 13.49 6.00
CA MET A 551 2.59 14.59 6.96
C MET A 551 2.82 16.00 6.36
N HIS A 552 3.50 16.06 5.21
CA HIS A 552 3.85 17.27 4.49
C HIS A 552 2.69 17.78 3.63
N VAL A 553 1.69 16.90 3.38
CA VAL A 553 0.46 17.12 2.61
C VAL A 553 -0.60 17.66 3.62
N PRO A 554 -0.96 18.97 3.49
CA PRO A 554 -1.90 19.59 4.47
C PRO A 554 -3.27 18.96 4.64
N SER A 555 -3.81 18.28 3.60
CA SER A 555 -5.13 17.66 3.58
C SER A 555 -5.27 16.40 4.44
N VAL A 556 -4.16 15.75 4.72
CA VAL A 556 -4.16 14.52 5.53
C VAL A 556 -3.39 14.68 6.83
N ALA A 557 -2.46 15.67 6.92
CA ALA A 557 -1.63 15.89 8.09
C ALA A 557 -2.36 15.82 9.44
N LEU A 558 -3.59 16.35 9.56
CA LEU A 558 -4.32 16.29 10.83
C LEU A 558 -4.84 14.88 11.04
N ARG A 559 -5.51 14.31 10.03
CA ARG A 559 -5.99 12.95 10.15
C ARG A 559 -4.83 12.03 10.55
N PHE A 560 -3.74 12.04 9.75
CA PHE A 560 -2.57 11.17 9.86
C PHE A 560 -1.81 11.41 11.15
N GLY A 561 -1.64 12.69 11.54
CA GLY A 561 -1.02 13.07 12.79
C GLY A 561 -1.74 12.43 13.95
N LEU A 562 -3.08 12.50 13.94
CA LEU A 562 -3.98 11.93 14.95
C LEU A 562 -3.97 10.40 15.01
N ILE A 563 -3.69 9.71 13.90
CA ILE A 563 -3.67 8.24 13.93
C ILE A 563 -2.38 7.75 14.60
N MET A 564 -1.23 8.34 14.24
CA MET A 564 0.07 7.98 14.80
C MET A 564 0.16 8.25 16.30
N GLU A 565 -0.39 9.39 16.76
CA GLU A 565 -0.41 9.70 18.18
C GLU A 565 -1.14 8.57 18.90
N ALA A 566 -2.35 8.20 18.39
CA ALA A 566 -3.16 7.10 18.93
C ALA A 566 -2.35 5.83 18.93
N TYR A 567 -1.62 5.53 17.84
CA TYR A 567 -0.77 4.34 17.77
C TYR A 567 0.27 4.32 18.90
N CYS A 568 1.00 5.45 19.04
CA CYS A 568 2.09 5.72 20.00
C CYS A 568 1.66 5.54 21.42
N ARG A 569 0.40 5.93 21.73
CA ARG A 569 -0.22 5.73 23.03
C ARG A 569 -0.25 4.23 23.30
N GLY A 570 -0.63 3.44 22.28
CA GLY A 570 -0.70 1.99 22.35
C GLY A 570 0.62 1.24 22.30
N SER A 571 1.72 1.90 21.89
CA SER A 571 3.08 1.29 21.85
C SER A 571 4.20 2.31 22.05
N THR A 572 4.53 2.58 23.32
CA THR A 572 5.54 3.51 23.83
C THR A 572 6.95 3.07 23.39
N HIS A 573 7.22 1.77 23.47
CA HIS A 573 8.47 1.14 23.09
C HIS A 573 8.70 1.26 21.55
N HIS A 574 7.66 0.94 20.75
CA HIS A 574 7.75 1.04 19.30
C HIS A 574 7.88 2.49 18.81
N MET A 575 7.36 3.48 19.56
CA MET A 575 7.55 4.89 19.26
C MET A 575 9.05 5.18 19.41
N LYS A 576 9.68 4.63 20.47
CA LYS A 576 11.11 4.80 20.69
C LYS A 576 11.99 4.16 19.58
N VAL A 577 11.53 3.00 19.07
CA VAL A 577 12.18 2.24 18.01
C VAL A 577 12.10 3.01 16.69
N LEU A 578 10.92 3.57 16.38
CA LEU A 578 10.66 4.35 15.18
C LEU A 578 11.36 5.70 15.23
N MET A 579 11.52 6.32 16.46
CA MET A 579 12.24 7.59 16.65
C MET A 579 13.68 7.39 16.25
N LYS A 580 14.20 6.19 16.47
CA LYS A 580 15.56 5.81 16.12
C LYS A 580 15.70 5.73 14.58
N GLN A 581 14.71 5.14 13.86
CA GLN A 581 14.67 5.14 12.39
C GLN A 581 14.63 6.59 11.84
N GLY A 582 13.83 7.45 12.44
CA GLY A 582 13.64 8.84 12.08
C GLY A 582 14.84 9.75 12.29
N GLU A 583 15.67 9.45 13.30
CA GLU A 583 16.92 10.13 13.63
C GLU A 583 17.98 9.80 12.56
N ALA A 584 18.02 8.54 12.12
CA ALA A 584 18.89 8.01 11.10
C ALA A 584 18.55 8.66 9.75
N LEU A 585 17.26 8.71 9.40
CA LEU A 585 16.75 9.34 8.17
C LEU A 585 16.97 10.88 8.18
N SER A 586 17.11 11.47 9.39
CA SER A 586 17.36 12.91 9.57
C SER A 586 18.81 13.17 9.17
N LYS A 587 19.73 12.31 9.61
CA LYS A 587 21.17 12.37 9.28
C LYS A 587 21.40 12.18 7.78
N LEU A 588 20.73 11.16 7.19
CA LEU A 588 20.79 10.84 5.77
C LEU A 588 20.35 12.02 4.89
N LYS A 589 19.30 12.75 5.29
CA LYS A 589 18.87 13.95 4.56
C LYS A 589 19.95 15.01 4.55
N ALA A 590 20.56 15.32 5.72
CA ALA A 590 21.63 16.34 5.85
C ALA A 590 22.92 15.97 5.05
N LEU A 591 23.32 14.68 5.12
CA LEU A 591 24.45 14.08 4.37
C LEU A 591 24.14 14.11 2.85
N ASN A 592 22.93 13.68 2.44
CA ASN A 592 22.55 13.67 1.02
C ASN A 592 22.62 15.09 0.43
N ASP A 593 22.11 16.10 1.15
CA ASP A 593 22.19 17.54 0.80
C ASP A 593 23.63 17.96 0.60
N PHE A 594 24.52 17.52 1.47
CA PHE A 594 25.96 17.83 1.40
C PHE A 594 26.56 17.25 0.11
N VAL A 595 26.20 16.02 -0.21
CA VAL A 595 26.65 15.28 -1.40
C VAL A 595 26.17 16.00 -2.67
N LYS A 596 24.93 16.50 -2.68
CA LYS A 596 24.33 17.22 -3.80
C LYS A 596 25.17 18.44 -4.13
N VAL A 597 25.46 19.25 -3.10
CA VAL A 597 26.26 20.47 -3.14
C VAL A 597 27.71 20.16 -3.51
N SER A 598 28.30 19.17 -2.84
CA SER A 598 29.68 18.76 -3.07
C SER A 598 29.95 18.22 -4.48
N SER A 599 29.08 17.33 -5.00
CA SER A 599 29.25 16.74 -6.32
C SER A 599 29.23 17.79 -7.44
N GLN A 600 28.67 18.97 -7.14
CA GLN A 600 28.63 20.07 -8.07
C GLN A 600 29.96 20.86 -8.04
N LYS A 601 30.77 20.73 -6.95
CA LYS A 601 32.01 21.48 -6.73
C LYS A 601 33.34 20.75 -6.94
N THR A 602 33.33 19.41 -7.00
CA THR A 602 34.58 18.63 -7.08
C THR A 602 34.32 17.22 -7.62
N THR A 603 35.37 16.38 -7.69
CA THR A 603 35.28 15.01 -8.18
C THR A 603 34.57 14.05 -7.21
N LYS A 604 34.09 12.92 -7.75
CA LYS A 604 33.42 11.83 -7.02
C LYS A 604 34.33 11.30 -5.88
N PRO A 605 35.66 11.00 -6.07
CA PRO A 605 36.48 10.51 -4.94
C PRO A 605 36.60 11.53 -3.82
N GLN A 606 36.60 12.82 -4.19
CA GLN A 606 36.70 13.90 -3.23
C GLN A 606 35.40 14.02 -2.39
N THR A 607 34.19 13.97 -3.04
CA THR A 607 32.86 13.99 -2.39
C THR A 607 32.65 12.70 -1.55
N LYS A 608 33.05 11.52 -2.10
CA LYS A 608 32.94 10.22 -1.41
C LYS A 608 33.74 10.26 -0.10
N GLU A 609 35.00 10.70 -0.15
CA GLU A 609 35.83 10.82 1.04
C GLU A 609 35.27 11.79 2.06
N MET A 610 34.73 12.95 1.63
CA MET A 610 34.12 13.92 2.52
C MET A 610 32.83 13.37 3.13
N MET A 611 32.05 12.56 2.37
CA MET A 611 30.83 11.92 2.90
C MET A 611 31.23 10.99 4.06
N HIS A 612 32.34 10.25 3.86
CA HIS A 612 32.96 9.31 4.78
C HIS A 612 33.43 9.96 6.06
N MET A 613 34.05 11.17 5.95
CA MET A 613 34.52 11.95 7.10
C MET A 613 33.31 12.36 7.93
N CYS A 614 32.28 12.93 7.26
CA CYS A 614 31.01 13.39 7.84
C CYS A 614 30.32 12.24 8.60
N MET A 615 30.21 11.05 7.94
CA MET A 615 29.67 9.79 8.50
C MET A 615 30.40 9.33 9.79
N ARG A 616 31.74 9.52 9.83
CA ARG A 616 32.66 9.12 10.91
C ARG A 616 32.53 9.98 12.21
N GLN A 617 31.77 11.10 12.11
CA GLN A 617 31.43 11.96 13.25
C GLN A 617 30.54 11.11 14.13
N GLU A 618 30.79 11.15 15.46
CA GLU A 618 30.08 10.34 16.46
C GLU A 618 28.58 10.46 16.36
N THR A 619 28.08 11.71 16.23
CA THR A 619 26.65 12.03 16.05
C THR A 619 26.08 11.16 14.93
N TYR A 620 26.75 11.12 13.75
CA TYR A 620 26.38 10.32 12.58
C TYR A 620 26.54 8.81 12.80
N MET A 621 27.64 8.37 13.40
CA MET A 621 27.96 6.97 13.71
C MET A 621 26.92 6.38 14.64
N GLU A 622 26.43 7.20 15.59
CA GLU A 622 25.41 6.78 16.54
C GLU A 622 24.05 6.75 15.89
N ALA A 623 23.65 7.85 15.21
CA ALA A 623 22.34 7.94 14.58
C ALA A 623 22.12 6.92 13.46
N LEU A 624 23.17 6.62 12.69
CA LEU A 624 23.12 5.71 11.57
C LEU A 624 23.32 4.23 11.87
N SER A 625 23.68 3.86 13.09
CA SER A 625 23.90 2.45 13.45
C SER A 625 22.83 1.95 14.43
N HIS A 626 22.70 0.62 14.53
CA HIS A 626 21.85 -0.16 15.45
C HIS A 626 20.39 0.20 15.38
N LEU A 627 19.81 -0.04 14.23
CA LEU A 627 18.39 0.20 14.01
C LEU A 627 17.68 -0.97 13.27
N GLN A 628 16.36 -0.95 13.27
CA GLN A 628 15.50 -1.79 12.48
C GLN A 628 15.39 -1.07 11.13
N SER A 629 15.29 -1.84 10.05
CA SER A 629 15.17 -1.20 8.78
C SER A 629 13.75 -0.71 8.56
N PRO A 630 13.56 0.58 8.14
CA PRO A 630 12.20 1.03 7.79
C PRO A 630 11.66 0.22 6.58
N LEU A 631 12.55 -0.33 5.72
CA LEU A 631 12.13 -1.17 4.59
C LEU A 631 11.56 -2.53 5.04
N ASP A 632 12.10 -3.06 6.15
CA ASP A 632 11.74 -4.34 6.69
C ASP A 632 12.15 -4.38 8.16
N PRO A 633 11.17 -4.38 9.11
CA PRO A 633 11.54 -4.41 10.54
C PRO A 633 12.32 -5.65 11.02
N SER A 634 12.35 -6.76 10.24
CA SER A 634 13.07 -8.01 10.55
C SER A 634 14.58 -7.86 10.36
N THR A 635 14.93 -6.99 9.42
CA THR A 635 16.30 -6.69 9.04
C THR A 635 16.87 -5.69 10.03
N LEU A 636 17.98 -6.08 10.65
CA LEU A 636 18.68 -5.24 11.59
C LEU A 636 19.88 -4.64 10.87
N LEU A 637 20.00 -3.32 10.99
CA LEU A 637 21.02 -2.49 10.38
C LEU A 637 21.92 -2.19 11.51
N GLU A 638 23.01 -2.96 11.63
CA GLU A 638 23.89 -2.81 12.79
C GLU A 638 25.01 -1.79 12.60
N GLU A 639 26.25 -2.27 12.30
CA GLU A 639 27.44 -1.42 12.15
C GLU A 639 27.49 -0.88 10.76
N VAL A 640 27.47 0.45 10.66
CA VAL A 640 27.51 1.16 9.38
C VAL A 640 28.92 1.01 8.81
N CYS A 641 29.01 0.45 7.59
CA CYS A 641 30.26 0.20 6.87
C CYS A 641 30.54 1.38 5.99
N VAL A 642 31.11 2.45 6.60
CA VAL A 642 31.48 3.74 5.98
C VAL A 642 32.32 3.52 4.72
N GLU A 643 33.25 2.58 4.73
CA GLU A 643 34.08 2.38 3.55
C GLU A 643 33.28 1.90 2.31
N GLN A 644 32.22 1.14 2.52
CA GLN A 644 31.39 0.67 1.43
C GLN A 644 30.26 1.64 1.05
N CYS A 645 30.10 2.75 1.77
CA CYS A 645 29.02 3.67 1.46
C CYS A 645 29.49 4.57 0.37
N THR A 646 28.59 4.91 -0.54
CA THR A 646 28.90 5.82 -1.62
C THR A 646 27.60 6.59 -1.98
N PHE A 647 27.51 7.09 -3.23
CA PHE A 647 26.34 7.76 -3.76
C PHE A 647 26.22 7.44 -5.24
N MET A 648 24.98 7.48 -5.78
CA MET A 648 24.75 7.26 -7.21
C MET A 648 24.90 8.54 -7.97
N ASP A 649 25.29 8.46 -9.27
CA ASP A 649 25.56 9.61 -10.14
C ASP A 649 24.34 10.23 -10.86
N SER A 650 23.12 9.92 -10.42
CA SER A 650 21.90 10.50 -11.03
C SER A 650 21.57 11.85 -10.42
N LYS A 651 20.57 12.57 -11.02
CA LYS A 651 20.13 13.90 -10.65
C LYS A 651 20.02 14.15 -9.14
N MET A 652 19.40 13.19 -8.40
CA MET A 652 19.16 13.33 -6.96
C MET A 652 20.28 12.80 -6.11
N LYS A 653 21.36 12.29 -6.76
CA LYS A 653 22.57 11.74 -6.12
C LYS A 653 22.24 10.83 -4.90
N PRO A 654 21.42 9.74 -5.05
CA PRO A 654 21.05 8.95 -3.86
C PRO A 654 22.20 8.27 -3.12
N LEU A 655 21.98 8.05 -1.84
CA LEU A 655 23.01 7.42 -0.99
C LEU A 655 22.90 5.93 -0.96
N TRP A 656 24.04 5.27 -1.05
CA TRP A 656 24.19 3.85 -1.01
C TRP A 656 24.83 3.58 0.36
N ILE A 657 24.06 3.02 1.30
CA ILE A 657 24.49 2.80 2.68
C ILE A 657 24.54 1.34 2.99
N MET A 658 25.72 0.85 3.38
CA MET A 658 25.97 -0.56 3.69
C MET A 658 26.07 -0.81 5.18
N TYR A 659 25.73 -2.03 5.59
CA TYR A 659 25.75 -2.46 6.99
C TYR A 659 26.33 -3.84 7.11
N SER A 660 26.88 -4.17 8.30
CA SER A 660 27.42 -5.47 8.67
C SER A 660 27.00 -5.78 10.09
N SER A 661 26.78 -7.07 10.38
CA SER A 661 26.37 -7.57 11.69
C SER A 661 27.08 -8.88 11.97
N GLU A 662 28.00 -8.89 12.99
CA GLU A 662 28.76 -10.09 13.39
C GLU A 662 27.81 -11.20 13.87
N GLU A 663 26.70 -10.83 14.55
CA GLU A 663 25.63 -11.67 15.10
C GLU A 663 24.85 -12.38 13.96
N ALA A 664 24.69 -11.70 12.80
CA ALA A 664 23.97 -12.17 11.62
C ALA A 664 24.84 -12.79 10.53
N GLY A 665 26.15 -12.50 10.54
CA GLY A 665 27.11 -13.02 9.59
C GLY A 665 26.85 -12.56 8.16
N SER A 666 27.01 -13.50 7.19
CA SER A 666 26.81 -13.31 5.74
C SER A 666 25.45 -12.70 5.41
N ALA A 667 24.40 -13.05 6.20
CA ALA A 667 23.05 -12.52 6.00
C ALA A 667 22.89 -11.07 6.47
N GLY A 668 23.83 -10.59 7.30
CA GLY A 668 23.81 -9.25 7.88
C GLY A 668 24.47 -8.17 7.05
N ASN A 669 24.93 -8.55 5.84
CA ASN A 669 25.53 -7.64 4.89
C ASN A 669 24.32 -7.21 4.06
N VAL A 670 23.81 -6.07 4.42
CA VAL A 670 22.61 -5.45 3.86
C VAL A 670 22.95 -4.01 3.59
N GLY A 671 22.19 -3.43 2.70
CA GLY A 671 22.33 -2.02 2.40
C GLY A 671 20.99 -1.43 2.11
N ILE A 672 20.90 -0.12 2.28
CA ILE A 672 19.72 0.69 1.99
C ILE A 672 20.11 1.85 1.11
N ILE A 673 19.22 2.29 0.26
CA ILE A 673 19.50 3.47 -0.57
C ILE A 673 18.57 4.55 -0.07
N PHE A 674 19.10 5.71 0.24
CA PHE A 674 18.31 6.87 0.62
C PHE A 674 18.24 7.80 -0.59
N LYS A 675 17.02 8.11 -1.04
CA LYS A 675 16.80 8.97 -2.20
C LYS A 675 15.82 10.10 -1.87
N ASN A 676 16.32 11.33 -2.00
CA ASN A 676 15.60 12.54 -1.71
C ASN A 676 15.56 13.42 -2.97
N GLY A 677 14.36 13.86 -3.33
CA GLY A 677 14.16 14.71 -4.49
C GLY A 677 12.97 14.33 -5.34
N ASP A 678 12.60 13.02 -5.32
CA ASP A 678 11.50 12.46 -6.11
C ASP A 678 10.41 11.81 -5.26
N ASP A 679 9.16 11.83 -5.78
CA ASP A 679 8.05 11.13 -5.14
C ASP A 679 8.30 9.64 -5.44
N LEU A 680 8.36 8.77 -4.37
CA LEU A 680 8.64 7.33 -4.48
C LEU A 680 7.42 6.42 -4.39
N ARG A 681 6.24 6.95 -4.02
CA ARG A 681 4.96 6.23 -3.88
C ARG A 681 4.54 5.33 -5.06
N GLN A 682 4.74 5.82 -6.32
CA GLN A 682 4.40 5.07 -7.54
C GLN A 682 5.33 3.86 -7.74
N ASP A 683 6.61 4.03 -7.39
CA ASP A 683 7.57 2.93 -7.45
C ASP A 683 7.11 1.85 -6.50
N MET A 684 6.76 2.23 -5.25
CA MET A 684 6.25 1.36 -4.20
C MET A 684 5.02 0.58 -4.65
N LEU A 685 4.07 1.26 -5.29
CA LEU A 685 2.86 0.64 -5.76
C LEU A 685 3.17 -0.37 -6.83
N THR A 686 3.99 0.03 -7.81
CA THR A 686 4.42 -0.87 -8.86
C THR A 686 5.07 -2.12 -8.25
N LEU A 687 5.96 -1.90 -7.28
CA LEU A 687 6.70 -2.98 -6.63
C LEU A 687 5.85 -3.92 -5.84
N GLN A 688 4.77 -3.40 -5.24
CA GLN A 688 3.83 -4.16 -4.42
C GLN A 688 2.95 -5.05 -5.31
N MET A 689 2.65 -4.54 -6.52
CA MET A 689 1.87 -5.17 -7.57
C MET A 689 2.62 -6.33 -8.20
N ILE A 690 3.94 -6.17 -8.44
CA ILE A 690 4.82 -7.23 -8.93
C ILE A 690 4.91 -8.32 -7.83
N GLN A 691 5.05 -7.92 -6.58
CA GLN A 691 5.16 -8.82 -5.45
C GLN A 691 3.88 -9.69 -5.29
N LEU A 692 2.70 -9.07 -5.54
CA LEU A 692 1.38 -9.69 -5.47
C LEU A 692 1.26 -10.75 -6.54
N MET A 693 1.76 -10.44 -7.76
CA MET A 693 1.81 -11.31 -8.94
C MET A 693 2.60 -12.55 -8.56
N ASP A 694 3.81 -12.33 -7.98
CA ASP A 694 4.74 -13.35 -7.49
C ASP A 694 4.03 -14.29 -6.50
N VAL A 695 3.30 -13.70 -5.53
CA VAL A 695 2.50 -14.40 -4.51
C VAL A 695 1.41 -15.24 -5.20
N LEU A 696 0.64 -14.61 -6.12
CA LEU A 696 -0.42 -15.27 -6.91
C LEU A 696 0.11 -16.43 -7.77
N TRP A 697 1.24 -16.23 -8.49
CA TRP A 697 1.88 -17.25 -9.31
C TRP A 697 2.32 -18.45 -8.47
N LYS A 698 2.99 -18.16 -7.32
CA LYS A 698 3.46 -19.16 -6.35
C LYS A 698 2.33 -20.03 -5.71
N GLN A 699 1.10 -19.46 -5.61
CA GLN A 699 -0.11 -20.12 -5.09
C GLN A 699 -0.67 -21.07 -6.13
N GLU A 700 -0.16 -20.99 -7.37
CA GLU A 700 -0.53 -21.83 -8.51
C GLU A 700 0.66 -22.70 -8.87
N GLY A 701 1.65 -22.75 -7.99
CA GLY A 701 2.88 -23.53 -8.16
C GLY A 701 3.96 -22.97 -9.08
N LEU A 702 3.82 -21.73 -9.56
CA LEU A 702 4.79 -21.11 -10.46
C LEU A 702 5.74 -20.09 -9.76
N ASP A 703 7.06 -20.38 -9.73
CA ASP A 703 8.08 -19.49 -9.14
C ASP A 703 8.91 -18.82 -10.24
N LEU A 704 8.63 -17.54 -10.51
CA LEU A 704 9.32 -16.85 -11.59
C LEU A 704 10.57 -16.14 -11.16
N ARG A 705 11.07 -16.48 -9.98
CA ARG A 705 12.32 -15.98 -9.41
C ARG A 705 12.36 -14.46 -9.52
N MET A 706 11.28 -13.81 -8.99
CA MET A 706 11.13 -12.37 -9.00
C MET A 706 12.04 -11.72 -7.94
N THR A 707 12.39 -10.40 -8.11
CA THR A 707 13.19 -9.64 -7.14
C THR A 707 12.32 -8.46 -6.69
N PRO A 708 11.37 -8.74 -5.76
CA PRO A 708 10.47 -7.68 -5.28
C PRO A 708 11.13 -6.89 -4.17
N TYR A 709 12.25 -6.26 -4.46
CA TYR A 709 13.05 -5.50 -3.50
C TYR A 709 12.25 -4.35 -2.85
N GLY A 710 12.67 -3.93 -1.67
CA GLY A 710 11.98 -2.90 -0.89
C GLY A 710 12.10 -1.49 -1.44
N CYS A 711 11.02 -0.71 -1.27
CA CYS A 711 10.90 0.70 -1.62
C CYS A 711 9.83 1.27 -0.77
N LEU A 712 10.22 2.23 0.07
CA LEU A 712 9.33 2.83 1.04
C LEU A 712 9.51 4.31 1.14
N PRO A 713 8.47 5.08 0.74
CA PRO A 713 8.50 6.53 1.00
C PRO A 713 8.38 6.73 2.52
N THR A 714 9.27 7.57 3.06
CA THR A 714 9.37 7.92 4.50
C THR A 714 8.99 9.36 4.82
N GLY A 715 9.09 10.27 3.84
CA GLY A 715 8.83 11.70 4.04
C GLY A 715 8.56 12.44 2.74
N ASP A 716 8.73 13.76 2.75
CA ASP A 716 8.53 14.61 1.59
C ASP A 716 9.54 14.31 0.47
N ARG A 717 9.08 13.67 -0.61
CA ARG A 717 9.91 13.29 -1.77
C ARG A 717 11.15 12.55 -1.29
N THR A 718 10.96 11.75 -0.24
CA THR A 718 12.03 11.01 0.46
C THR A 718 11.61 9.61 0.70
N GLY A 719 12.57 8.71 0.63
CA GLY A 719 12.31 7.30 0.87
C GLY A 719 13.53 6.42 0.72
N LEU A 720 13.31 5.12 0.98
CA LEU A 720 14.35 4.08 0.97
C LEU A 720 14.09 3.04 -0.10
N ILE A 721 15.18 2.57 -0.70
CA ILE A 721 15.18 1.54 -1.74
C ILE A 721 16.14 0.48 -1.23
N GLU A 722 15.77 -0.81 -1.42
CA GLU A 722 16.61 -1.90 -0.93
C GLU A 722 17.72 -2.22 -1.86
N VAL A 723 18.92 -2.42 -1.30
CA VAL A 723 20.10 -2.79 -2.09
C VAL A 723 20.01 -4.31 -2.39
N VAL A 724 20.16 -4.69 -3.64
CA VAL A 724 20.26 -6.08 -4.04
C VAL A 724 21.76 -6.22 -4.31
N LEU A 725 22.47 -6.98 -3.46
CA LEU A 725 23.93 -7.15 -3.65
C LEU A 725 24.14 -8.22 -4.69
N HIS A 726 25.23 -8.16 -5.46
CA HIS A 726 25.59 -9.13 -6.49
C HIS A 726 24.74 -8.92 -7.74
N SER A 727 24.51 -7.67 -8.05
CA SER A 727 23.72 -7.30 -9.20
C SER A 727 24.33 -6.08 -9.80
N ASP A 728 24.13 -5.96 -11.11
CA ASP A 728 24.56 -4.80 -11.86
C ASP A 728 23.50 -4.59 -12.91
N THR A 729 23.47 -3.39 -13.53
CA THR A 729 22.53 -3.05 -14.60
C THR A 729 23.04 -3.71 -15.87
N ILE A 730 22.12 -3.99 -16.83
CA ILE A 730 22.43 -4.55 -18.16
C ILE A 730 23.45 -3.65 -18.88
N ALA A 731 23.28 -2.32 -18.79
CA ALA A 731 24.13 -1.28 -19.37
C ALA A 731 25.59 -1.42 -18.93
N ASN A 732 25.83 -1.50 -17.60
CA ASN A 732 27.16 -1.67 -17.03
C ASN A 732 27.85 -2.93 -17.54
N ILE A 733 27.14 -4.04 -17.57
CA ILE A 733 27.68 -5.29 -18.12
C ILE A 733 27.98 -5.14 -19.61
N GLN A 734 27.02 -4.54 -20.37
CA GLN A 734 27.18 -4.31 -21.80
C GLN A 734 28.28 -3.32 -22.14
N LEU A 735 28.84 -2.54 -21.15
CA LEU A 735 29.98 -1.63 -21.40
C LEU A 735 31.12 -2.38 -22.11
N ASN A 736 31.22 -3.69 -21.84
CA ASN A 736 32.18 -4.63 -22.41
C ASN A 736 33.61 -4.13 -22.23
N LYS A 737 33.94 -3.87 -20.95
CA LYS A 737 35.24 -3.38 -20.54
C LYS A 737 36.34 -4.42 -20.78
N SER A 738 37.59 -3.95 -20.89
CA SER A 738 38.78 -4.79 -21.09
C SER A 738 39.32 -5.28 -19.73
N ASN A 739 40.23 -6.30 -19.76
CA ASN A 739 40.93 -6.89 -18.59
C ASN A 739 39.95 -7.46 -17.53
N MET A 740 38.77 -7.91 -17.99
CA MET A 740 37.69 -8.47 -17.19
C MET A 740 37.37 -9.86 -17.73
N ALA A 741 36.76 -10.70 -16.89
CA ALA A 741 36.37 -12.07 -17.27
C ALA A 741 35.28 -12.07 -18.36
N ALA A 742 34.28 -11.16 -18.23
CA ALA A 742 33.15 -11.00 -19.14
C ALA A 742 33.46 -10.37 -20.53
N THR A 743 34.72 -9.90 -20.78
CA THR A 743 35.11 -9.29 -22.06
C THR A 743 34.70 -10.22 -23.23
N ALA A 744 34.03 -9.66 -24.27
CA ALA A 744 33.43 -10.41 -25.38
C ALA A 744 34.01 -10.18 -26.80
N ALA A 745 33.82 -11.18 -27.68
CA ALA A 745 34.23 -11.18 -29.10
C ALA A 745 33.14 -10.48 -29.91
N PHE A 746 31.88 -10.61 -29.44
CA PHE A 746 30.68 -9.96 -29.96
C PHE A 746 29.97 -9.35 -28.79
N ASN A 747 29.39 -8.13 -28.92
CA ASN A 747 28.70 -7.47 -27.79
C ASN A 747 27.49 -8.26 -27.28
N LYS A 748 26.84 -9.05 -28.15
CA LYS A 748 25.71 -9.91 -27.82
C LYS A 748 26.14 -11.01 -26.84
N ASP A 749 27.46 -11.30 -26.74
CA ASP A 749 28.00 -12.32 -25.85
C ASP A 749 28.12 -11.83 -24.40
N ALA A 750 28.23 -10.49 -24.18
CA ALA A 750 28.50 -9.82 -22.91
C ALA A 750 27.69 -10.33 -21.70
N LEU A 751 26.32 -10.29 -21.77
CA LEU A 751 25.45 -10.78 -20.70
C LEU A 751 25.77 -12.25 -20.42
N LEU A 752 25.78 -13.09 -21.48
CA LEU A 752 26.10 -14.53 -21.38
C LEU A 752 27.46 -14.84 -20.79
N ASN A 753 28.51 -14.06 -21.17
CA ASN A 753 29.90 -14.18 -20.70
C ASN A 753 29.99 -13.86 -19.25
N TRP A 754 29.20 -12.89 -18.81
CA TRP A 754 29.17 -12.44 -17.43
C TRP A 754 28.41 -13.46 -16.60
N LEU A 755 27.36 -14.07 -17.15
CA LEU A 755 26.64 -15.14 -16.44
C LEU A 755 27.53 -16.38 -16.28
N LYS A 756 28.43 -16.62 -17.25
CA LYS A 756 29.44 -17.68 -17.26
C LYS A 756 30.50 -17.43 -16.13
N SER A 757 31.13 -16.24 -16.09
CA SER A 757 32.14 -15.86 -15.09
C SER A 757 31.67 -16.07 -13.64
N LYS A 758 30.39 -15.80 -13.39
CA LYS A 758 29.72 -15.87 -12.11
C LYS A 758 29.25 -17.27 -11.81
N ASN A 759 28.99 -18.07 -12.87
CA ASN A 759 28.46 -19.43 -12.72
C ASN A 759 29.31 -20.47 -13.43
N PRO A 760 30.40 -20.93 -12.76
CA PRO A 760 31.29 -21.94 -13.37
C PRO A 760 30.75 -23.37 -13.31
N GLY A 761 31.17 -24.19 -14.27
CA GLY A 761 30.78 -25.59 -14.37
C GLY A 761 29.30 -25.73 -14.66
N GLU A 762 28.64 -26.71 -13.98
CA GLU A 762 27.21 -27.01 -14.08
C GLU A 762 26.33 -25.82 -13.74
N ALA A 763 26.78 -24.93 -12.83
CA ALA A 763 26.04 -23.75 -12.36
C ALA A 763 25.44 -22.86 -13.46
N LEU A 764 26.12 -22.71 -14.63
CA LEU A 764 25.66 -21.88 -15.75
C LEU A 764 24.24 -22.21 -16.20
N ASP A 765 23.90 -23.52 -16.33
CA ASP A 765 22.56 -23.95 -16.74
C ASP A 765 21.44 -23.44 -15.82
N ARG A 766 21.69 -23.42 -14.49
CA ARG A 766 20.76 -22.90 -13.48
C ARG A 766 20.60 -21.37 -13.65
N ALA A 767 21.69 -20.64 -13.97
CA ALA A 767 21.65 -19.19 -14.19
C ALA A 767 20.80 -18.83 -15.45
N ILE A 768 20.94 -19.62 -16.54
CA ILE A 768 20.14 -19.45 -17.77
C ILE A 768 18.64 -19.65 -17.46
N GLU A 769 18.33 -20.67 -16.64
CA GLU A 769 16.96 -20.96 -16.19
C GLU A 769 16.41 -19.84 -15.33
N GLU A 770 17.23 -19.34 -14.38
CA GLU A 770 16.85 -18.24 -13.48
C GLU A 770 16.48 -16.98 -14.26
N PHE A 771 17.31 -16.66 -15.28
CA PHE A 771 17.15 -15.56 -16.24
C PHE A 771 15.81 -15.65 -16.98
N THR A 772 15.51 -16.86 -17.54
CA THR A 772 14.36 -17.23 -18.36
C THR A 772 13.08 -17.05 -17.54
N LEU A 773 13.07 -17.60 -16.32
CA LEU A 773 11.94 -17.48 -15.41
C LEU A 773 11.68 -16.00 -15.04
N SER A 774 12.68 -15.27 -14.47
CA SER A 774 12.51 -13.84 -14.09
C SER A 774 12.14 -12.94 -15.26
N CYS A 775 12.74 -13.18 -16.43
CA CYS A 775 12.45 -12.49 -17.68
C CYS A 775 10.98 -12.62 -18.07
N ALA A 776 10.48 -13.86 -18.25
CA ALA A 776 9.08 -14.15 -18.50
C ALA A 776 8.13 -13.44 -17.48
N GLY A 777 8.52 -13.41 -16.21
CA GLY A 777 7.76 -12.72 -15.16
C GLY A 777 7.75 -11.21 -15.32
N TYR A 778 8.90 -10.63 -15.74
CA TYR A 778 9.01 -9.19 -15.90
C TYR A 778 8.45 -8.71 -17.23
N CYS A 779 8.51 -9.53 -18.30
CA CYS A 779 7.94 -9.21 -19.64
C CYS A 779 6.42 -9.03 -19.46
N VAL A 780 5.79 -9.95 -18.67
CA VAL A 780 4.37 -9.99 -18.30
C VAL A 780 4.03 -8.87 -17.30
N ALA A 781 4.87 -8.67 -16.27
CA ALA A 781 4.64 -7.63 -15.26
C ALA A 781 4.62 -6.24 -15.90
N THR A 782 5.53 -5.96 -16.82
CA THR A 782 5.61 -4.64 -17.45
C THR A 782 4.55 -4.48 -18.50
N TYR A 783 4.09 -5.58 -19.13
CA TYR A 783 3.01 -5.54 -20.11
C TYR A 783 1.64 -5.29 -19.43
N VAL A 784 1.30 -6.06 -18.36
CA VAL A 784 0.03 -5.89 -17.65
C VAL A 784 -0.06 -4.48 -17.02
N LEU A 785 1.03 -4.03 -16.39
CA LEU A 785 1.11 -2.73 -15.71
C LEU A 785 1.45 -1.55 -16.61
N GLY A 786 1.75 -1.80 -17.90
CA GLY A 786 2.12 -0.78 -18.88
C GLY A 786 3.38 0.00 -18.52
N ILE A 787 4.37 -0.68 -17.96
CA ILE A 787 5.63 -0.06 -17.55
C ILE A 787 6.48 0.18 -18.79
N GLY A 788 6.71 1.46 -19.06
CA GLY A 788 7.47 1.94 -20.20
C GLY A 788 8.78 2.58 -19.78
N ASP A 789 9.45 3.23 -20.75
CA ASP A 789 10.76 3.86 -20.57
C ASP A 789 11.75 2.77 -20.06
N ARG A 790 11.71 1.58 -20.69
CA ARG A 790 12.55 0.45 -20.32
C ARG A 790 13.79 0.41 -21.24
N HIS A 791 14.97 0.47 -20.60
CA HIS A 791 16.29 0.49 -21.23
C HIS A 791 17.34 -0.23 -20.37
N SER A 792 18.56 -0.41 -20.88
CA SER A 792 19.61 -1.17 -20.17
C SER A 792 20.05 -0.58 -18.82
N ASP A 793 19.73 0.70 -18.55
CA ASP A 793 20.08 1.38 -17.30
C ASP A 793 19.08 1.12 -16.15
N ASN A 794 17.83 0.71 -16.49
CA ASN A 794 16.82 0.45 -15.49
C ASN A 794 16.39 -1.04 -15.46
N ILE A 795 17.22 -1.88 -16.10
CA ILE A 795 17.06 -3.33 -16.10
C ILE A 795 18.34 -3.90 -15.49
N MET A 796 18.18 -4.69 -14.41
CA MET A 796 19.29 -5.30 -13.69
C MET A 796 19.31 -6.82 -13.77
N ILE A 797 20.50 -7.35 -13.58
CA ILE A 797 20.78 -8.77 -13.51
C ILE A 797 21.63 -9.07 -12.27
N ARG A 798 21.23 -10.12 -11.55
CA ARG A 798 21.83 -10.73 -10.37
C ARG A 798 22.76 -11.86 -10.82
N GLU A 799 23.77 -12.16 -9.98
CA GLU A 799 24.78 -13.17 -10.27
C GLU A 799 24.24 -14.59 -10.38
N SER A 800 23.03 -14.80 -9.85
CA SER A 800 22.25 -16.03 -9.88
C SER A 800 21.53 -16.21 -11.24
N GLY A 801 21.58 -15.19 -12.09
CA GLY A 801 20.92 -15.19 -13.39
C GLY A 801 19.63 -14.39 -13.41
N GLN A 802 19.15 -14.04 -12.22
CA GLN A 802 17.89 -13.32 -12.00
C GLN A 802 17.85 -11.89 -12.57
N LEU A 803 16.92 -11.66 -13.51
CA LEU A 803 16.68 -10.37 -14.11
C LEU A 803 15.57 -9.65 -13.30
N PHE A 804 15.70 -8.33 -13.10
CA PHE A 804 14.70 -7.51 -12.40
C PHE A 804 14.76 -6.03 -12.87
N HIS A 805 13.66 -5.27 -12.72
CA HIS A 805 13.58 -3.88 -13.13
C HIS A 805 13.65 -2.93 -11.96
N ILE A 806 14.20 -1.74 -12.21
CA ILE A 806 14.34 -0.68 -11.22
C ILE A 806 13.75 0.60 -11.75
N ASP A 807 13.62 1.61 -10.88
CA ASP A 807 13.17 2.97 -11.15
C ASP A 807 11.93 3.03 -12.04
N PHE A 808 10.73 2.84 -11.46
CA PHE A 808 9.44 2.85 -12.18
C PHE A 808 8.81 4.26 -12.21
N GLY A 809 9.21 5.03 -13.21
CA GLY A 809 8.71 6.39 -13.39
C GLY A 809 7.40 6.46 -14.12
N HIS A 810 7.12 5.45 -14.97
CA HIS A 810 5.91 5.43 -15.76
C HIS A 810 5.22 4.07 -15.83
N PHE A 811 3.90 4.08 -15.58
CA PHE A 811 3.03 2.92 -15.69
C PHE A 811 1.70 3.28 -16.32
N LEU A 812 0.92 2.23 -16.71
CA LEU A 812 -0.42 2.31 -17.28
C LEU A 812 -0.51 3.15 -18.56
N GLY A 813 0.52 3.05 -19.40
CA GLY A 813 0.60 3.74 -20.69
C GLY A 813 1.30 5.07 -20.70
N ASN A 814 1.04 5.92 -19.69
CA ASN A 814 1.55 7.30 -19.53
C ASN A 814 3.07 7.46 -19.56
N GLU A 824 1.31 6.00 -24.17
CA GLU A 824 -0.07 5.51 -24.28
C GLU A 824 -0.07 4.18 -25.03
N ARG A 825 -0.77 3.16 -24.49
CA ARG A 825 -0.90 1.79 -25.04
C ARG A 825 0.48 1.14 -25.33
N VAL A 826 1.19 0.78 -24.24
CA VAL A 826 2.51 0.17 -24.27
C VAL A 826 2.45 -1.29 -24.87
N PRO A 827 3.25 -1.59 -25.93
CA PRO A 827 3.22 -2.95 -26.47
C PRO A 827 4.11 -3.91 -25.69
N PHE A 828 3.93 -5.24 -25.90
CA PHE A 828 4.74 -6.31 -25.29
C PHE A 828 6.15 -6.20 -25.89
N ILE A 829 7.19 -6.35 -25.06
CA ILE A 829 8.51 -6.22 -25.61
C ILE A 829 9.34 -7.47 -25.34
N LEU A 830 9.99 -7.95 -26.40
CA LEU A 830 10.97 -9.02 -26.41
C LEU A 830 12.23 -8.35 -26.95
N THR A 831 13.25 -8.19 -26.09
CA THR A 831 14.53 -7.59 -26.46
C THR A 831 15.43 -8.74 -26.83
N TYR A 832 16.08 -8.68 -28.03
CA TYR A 832 16.91 -9.77 -28.53
C TYR A 832 18.13 -10.06 -27.65
N ASP A 833 18.54 -9.10 -26.78
CA ASP A 833 19.66 -9.28 -25.85
C ASP A 833 19.35 -10.41 -24.84
N PHE A 834 18.09 -10.43 -24.36
CA PHE A 834 17.54 -11.36 -23.39
C PHE A 834 17.05 -12.67 -24.08
N VAL A 835 16.75 -12.60 -25.39
CA VAL A 835 16.36 -13.77 -26.18
C VAL A 835 17.64 -14.56 -26.49
N HIS A 836 18.78 -13.86 -26.65
CA HIS A 836 20.09 -14.45 -26.90
C HIS A 836 20.57 -15.32 -25.70
N VAL A 837 20.27 -14.89 -24.45
CA VAL A 837 20.58 -15.66 -23.23
C VAL A 837 19.59 -16.87 -23.08
N ILE A 838 18.29 -16.63 -23.28
CA ILE A 838 17.25 -17.64 -23.23
C ILE A 838 17.61 -18.82 -24.17
N GLN A 839 18.05 -18.50 -25.41
CA GLN A 839 18.44 -19.50 -26.41
C GLN A 839 19.86 -20.09 -26.18
N GLN A 840 20.50 -19.81 -25.02
CA GLN A 840 21.82 -20.31 -24.61
C GLN A 840 22.96 -19.86 -25.58
N GLY A 841 22.79 -18.68 -26.16
CA GLY A 841 23.76 -18.09 -27.08
C GLY A 841 23.65 -18.60 -28.49
N LYS A 842 22.65 -19.49 -28.73
CA LYS A 842 22.40 -20.07 -30.06
C LYS A 842 21.49 -19.13 -30.82
N THR A 843 21.69 -19.03 -32.15
CA THR A 843 20.87 -18.19 -33.05
C THR A 843 19.41 -18.73 -33.09
N ASN A 844 19.28 -20.08 -33.14
CA ASN A 844 18.00 -20.77 -33.09
C ASN A 844 18.05 -21.82 -31.97
N ASN A 845 17.05 -21.80 -31.11
CA ASN A 845 16.88 -22.74 -30.00
C ASN A 845 15.41 -22.64 -29.60
N SER A 846 14.56 -23.35 -30.38
CA SER A 846 13.11 -23.36 -30.23
C SER A 846 12.69 -24.09 -28.99
N GLU A 847 13.45 -25.13 -28.59
CA GLU A 847 13.19 -25.89 -27.37
C GLU A 847 13.14 -24.89 -26.22
N LYS A 848 14.22 -24.10 -26.02
CA LYS A 848 14.30 -23.10 -24.95
C LYS A 848 13.43 -21.85 -25.19
N PHE A 849 13.26 -21.38 -26.44
CA PHE A 849 12.44 -20.17 -26.62
C PHE A 849 10.96 -20.40 -26.31
N GLU A 850 10.42 -21.54 -26.75
CA GLU A 850 9.01 -21.81 -26.61
C GLU A 850 8.62 -22.25 -25.19
N ARG A 851 9.62 -22.72 -24.41
CA ARG A 851 9.45 -23.07 -23.00
C ARG A 851 9.29 -21.74 -22.19
N PHE A 852 9.93 -20.66 -22.68
CA PHE A 852 9.84 -19.31 -22.13
C PHE A 852 8.46 -18.68 -22.45
N ARG A 853 7.94 -18.88 -23.69
CA ARG A 853 6.61 -18.43 -24.14
C ARG A 853 5.51 -19.11 -23.30
N GLY A 854 5.75 -20.36 -22.90
CA GLY A 854 4.88 -21.12 -22.02
C GLY A 854 4.86 -20.51 -20.62
N TYR A 855 6.04 -20.06 -20.10
CA TYR A 855 6.11 -19.38 -18.79
C TYR A 855 5.38 -18.05 -18.86
N CYS A 856 5.55 -17.27 -19.97
CA CYS A 856 4.82 -16.01 -20.15
C CYS A 856 3.30 -16.24 -20.15
N GLU A 857 2.84 -17.28 -20.87
CA GLU A 857 1.41 -17.58 -20.99
C GLU A 857 0.77 -17.97 -19.68
N ARG A 858 1.34 -19.01 -19.04
CA ARG A 858 0.92 -19.49 -17.72
C ARG A 858 0.78 -18.29 -16.76
N ALA A 859 1.87 -17.46 -16.62
CA ALA A 859 1.92 -16.26 -15.79
C ALA A 859 0.85 -15.25 -16.16
N TYR A 860 0.58 -15.08 -17.46
CA TYR A 860 -0.46 -14.16 -17.96
C TYR A 860 -1.88 -14.63 -17.58
N THR A 861 -2.18 -15.91 -17.83
CA THR A 861 -3.48 -16.51 -17.56
C THR A 861 -3.77 -16.65 -16.04
N ILE A 862 -2.73 -16.65 -15.19
CA ILE A 862 -2.93 -16.70 -13.73
C ILE A 862 -3.39 -15.30 -13.24
N LEU A 863 -2.78 -14.23 -13.74
CA LEU A 863 -3.11 -12.86 -13.32
C LEU A 863 -4.56 -12.45 -13.65
N ARG A 864 -5.08 -12.92 -14.79
CA ARG A 864 -6.44 -12.72 -15.32
C ARG A 864 -7.49 -13.31 -14.40
N ARG A 865 -7.13 -14.41 -13.71
CA ARG A 865 -7.97 -15.09 -12.76
C ARG A 865 -8.16 -14.26 -11.50
N HIS A 866 -7.23 -13.32 -11.26
CA HIS A 866 -7.26 -12.34 -10.16
C HIS A 866 -7.39 -10.93 -10.77
N GLY A 867 -8.01 -10.87 -11.95
CA GLY A 867 -8.25 -9.62 -12.67
C GLY A 867 -9.05 -8.64 -11.85
N LEU A 868 -10.10 -9.16 -11.17
CA LEU A 868 -10.97 -8.35 -10.31
C LEU A 868 -10.24 -7.76 -9.11
N LEU A 869 -9.24 -8.50 -8.55
CA LEU A 869 -8.39 -8.06 -7.43
C LEU A 869 -7.54 -6.84 -7.78
N PHE A 870 -6.75 -6.87 -8.88
CA PHE A 870 -5.91 -5.74 -9.28
C PHE A 870 -6.77 -4.53 -9.54
N LEU A 871 -7.91 -4.71 -10.22
CA LEU A 871 -8.92 -3.67 -10.50
C LEU A 871 -9.50 -3.11 -9.25
N HIS A 872 -9.83 -3.99 -8.25
CA HIS A 872 -10.29 -3.54 -6.93
C HIS A 872 -9.17 -2.77 -6.21
N LEU A 873 -7.90 -3.21 -6.30
CA LEU A 873 -6.77 -2.50 -5.65
C LEU A 873 -6.40 -1.19 -6.31
N PHE A 874 -6.38 -1.13 -7.64
CA PHE A 874 -6.02 0.05 -8.41
C PHE A 874 -7.05 1.15 -8.30
N ALA A 875 -8.33 0.77 -8.11
CA ALA A 875 -9.45 1.70 -7.92
C ALA A 875 -9.31 2.40 -6.57
N LEU A 876 -8.86 1.64 -5.57
CA LEU A 876 -8.67 2.14 -4.21
C LEU A 876 -7.49 3.09 -4.17
N MET A 877 -6.46 2.85 -5.03
CA MET A 877 -5.23 3.66 -5.13
C MET A 877 -5.43 4.99 -5.79
N ARG A 878 -6.62 5.21 -6.42
CA ARG A 878 -7.04 6.48 -7.03
C ARG A 878 -7.12 7.54 -5.92
N ALA A 879 -7.34 7.09 -4.66
CA ALA A 879 -7.36 7.94 -3.45
C ALA A 879 -5.98 8.53 -3.13
N ALA A 880 -4.86 7.88 -3.62
CA ALA A 880 -3.49 8.34 -3.35
C ALA A 880 -3.11 9.71 -3.94
N GLY A 881 -3.78 10.10 -5.04
CA GLY A 881 -3.53 11.34 -5.77
C GLY A 881 -2.36 11.28 -6.72
N LEU A 882 -1.94 10.06 -7.18
CA LEU A 882 -0.83 9.88 -8.13
C LEU A 882 -1.28 10.34 -9.53
N PRO A 883 -0.50 11.19 -10.23
CA PRO A 883 -0.95 11.73 -11.54
C PRO A 883 -1.20 10.71 -12.64
N GLU A 884 -0.52 9.53 -12.56
CA GLU A 884 -0.68 8.45 -13.54
C GLU A 884 -1.76 7.45 -13.13
N LEU A 885 -2.51 7.81 -12.08
CA LEU A 885 -3.66 7.07 -11.56
C LEU A 885 -4.68 8.13 -11.06
N SER A 886 -5.34 8.80 -12.03
CA SER A 886 -6.28 9.90 -11.74
C SER A 886 -7.67 9.77 -12.37
N CYS A 887 -7.81 8.94 -13.42
CA CYS A 887 -9.09 8.73 -14.12
C CYS A 887 -9.39 7.25 -14.41
N SER A 888 -10.56 6.99 -14.99
CA SER A 888 -11.00 5.66 -15.38
C SER A 888 -10.24 5.15 -16.60
N LYS A 889 -9.61 6.05 -17.38
CA LYS A 889 -8.78 5.73 -18.55
C LYS A 889 -7.60 4.85 -18.11
N ASP A 890 -7.00 5.16 -16.94
CA ASP A 890 -5.90 4.41 -16.32
C ASP A 890 -6.36 3.02 -15.89
N ILE A 891 -7.59 2.91 -15.30
CA ILE A 891 -8.15 1.66 -14.80
C ILE A 891 -8.50 0.77 -15.98
N GLN A 892 -9.03 1.39 -17.07
CA GLN A 892 -9.40 0.75 -18.33
C GLN A 892 -8.19 0.06 -18.96
N TYR A 893 -7.01 0.67 -18.79
CA TYR A 893 -5.72 0.18 -19.26
C TYR A 893 -5.45 -1.23 -18.76
N LEU A 894 -5.70 -1.48 -17.46
CA LEU A 894 -5.56 -2.79 -16.81
C LEU A 894 -6.60 -3.76 -17.34
N LYS A 895 -7.84 -3.27 -17.58
CA LYS A 895 -8.93 -4.10 -18.10
C LYS A 895 -8.56 -4.63 -19.49
N ASP A 896 -7.87 -3.79 -20.32
CA ASP A 896 -7.41 -4.15 -21.66
C ASP A 896 -6.19 -5.07 -21.65
N SER A 897 -5.18 -4.75 -20.81
CA SER A 897 -3.93 -5.51 -20.65
C SER A 897 -4.21 -6.96 -20.17
N LEU A 898 -5.14 -7.12 -19.23
CA LEU A 898 -5.56 -8.44 -18.74
C LEU A 898 -6.70 -9.01 -19.60
N ALA A 899 -7.21 -8.24 -20.61
CA ALA A 899 -8.32 -8.64 -21.50
C ALA A 899 -9.45 -9.35 -20.72
N LEU A 900 -9.91 -8.68 -19.63
CA LEU A 900 -10.94 -9.20 -18.72
C LEU A 900 -12.30 -9.41 -19.35
N GLY A 901 -12.65 -8.56 -20.32
CA GLY A 901 -13.87 -8.68 -21.10
C GLY A 901 -13.61 -9.57 -22.29
N LYS A 902 -13.22 -10.86 -22.03
CA LYS A 902 -12.89 -11.92 -23.00
C LYS A 902 -12.81 -13.28 -22.32
N THR A 903 -12.98 -14.37 -23.09
CA THR A 903 -12.86 -15.75 -22.59
C THR A 903 -11.37 -16.03 -22.48
N GLU A 904 -10.95 -17.05 -21.69
CA GLU A 904 -9.52 -17.37 -21.52
C GLU A 904 -8.85 -17.69 -22.87
N GLU A 905 -9.58 -18.38 -23.78
CA GLU A 905 -9.14 -18.72 -25.13
C GLU A 905 -8.83 -17.46 -25.93
N GLU A 906 -9.84 -16.56 -26.08
CA GLU A 906 -9.72 -15.31 -26.83
C GLU A 906 -8.58 -14.44 -26.34
N ALA A 907 -8.55 -14.15 -25.02
CA ALA A 907 -7.51 -13.36 -24.38
C ALA A 907 -6.12 -13.97 -24.59
N LEU A 908 -6.02 -15.33 -24.57
CA LEU A 908 -4.77 -16.07 -24.82
C LEU A 908 -4.30 -15.88 -26.28
N LYS A 909 -5.20 -16.14 -27.26
CA LYS A 909 -4.95 -15.94 -28.69
C LYS A 909 -4.45 -14.48 -28.94
N HIS A 910 -5.14 -13.50 -28.31
CA HIS A 910 -4.84 -12.06 -28.34
C HIS A 910 -3.44 -11.82 -27.76
N PHE A 911 -3.10 -12.48 -26.61
CA PHE A 911 -1.78 -12.33 -25.98
C PHE A 911 -0.67 -12.78 -26.91
N ARG A 912 -0.89 -13.93 -27.59
CA ARG A 912 0.01 -14.57 -28.55
C ARG A 912 0.22 -13.67 -29.78
N VAL A 913 -0.84 -12.96 -30.20
CA VAL A 913 -0.82 -12.01 -31.32
C VAL A 913 0.19 -10.91 -30.99
N LYS A 914 0.16 -10.43 -29.72
CA LYS A 914 0.98 -9.37 -29.16
C LYS A 914 2.37 -9.86 -28.79
N PHE A 915 2.48 -11.16 -28.42
CA PHE A 915 3.77 -11.79 -28.09
C PHE A 915 4.54 -11.99 -29.41
N ASN A 916 3.86 -12.48 -30.47
CA ASN A 916 4.44 -12.65 -31.81
C ASN A 916 4.74 -11.30 -32.43
N GLU A 917 3.86 -10.29 -32.19
CA GLU A 917 4.06 -8.88 -32.61
C GLU A 917 5.36 -8.36 -31.98
N ALA A 918 5.67 -8.80 -30.72
CA ALA A 918 6.92 -8.45 -30.00
C ALA A 918 8.12 -9.24 -30.55
N LEU A 919 7.93 -10.51 -30.95
CA LEU A 919 9.04 -11.31 -31.49
C LEU A 919 9.48 -10.80 -32.88
N ARG A 920 8.50 -10.35 -33.71
CA ARG A 920 8.73 -9.74 -35.03
C ARG A 920 9.53 -8.44 -34.86
N GLU A 921 9.25 -7.70 -33.77
CA GLU A 921 9.92 -6.45 -33.39
C GLU A 921 11.34 -6.73 -32.86
N SER A 922 11.52 -7.86 -32.13
CA SER A 922 12.82 -8.30 -31.61
C SER A 922 13.71 -8.76 -32.78
N TRP A 923 13.10 -9.49 -33.76
CA TRP A 923 13.75 -10.04 -34.94
C TRP A 923 14.38 -8.98 -35.87
N LYS A 924 14.10 -7.67 -35.64
CA LYS A 924 14.64 -6.53 -36.36
C LYS A 924 16.17 -6.52 -36.16
N THR A 925 16.62 -6.63 -34.90
CA THR A 925 18.03 -6.68 -34.50
C THR A 925 18.64 -8.01 -34.94
N LYS A 926 17.94 -9.16 -34.68
CA LYS A 926 18.38 -10.52 -35.05
C LYS A 926 18.90 -10.59 -36.50
N VAL A 927 18.19 -9.90 -37.43
CA VAL A 927 18.52 -9.76 -38.86
C VAL A 927 19.94 -9.19 -39.04
N ASN A 928 20.30 -8.15 -38.27
CA ASN A 928 21.62 -7.51 -38.33
C ASN A 928 22.62 -8.16 -37.36
O2 OKO B . 18.05 7.73 -9.45
S OKO B . 18.20 6.31 -9.40
O1 OKO B . 19.44 5.76 -8.96
C6 OKO B . 17.83 5.66 -10.98
N1 OKO B . 17.05 5.79 -8.38
C5 OKO B . 16.64 4.44 -8.13
C1 OKO B . 15.28 4.07 -8.06
O OKO B . 14.43 5.10 -8.26
C OKO B . 13.12 4.97 -7.72
C4 OKO B . 17.58 3.45 -7.95
C3 OKO B . 17.16 2.13 -7.70
C2 OKO B . 15.79 1.90 -7.65
N OKO B . 14.85 2.85 -7.84
C7 OKO B . 18.16 1.06 -7.50
C23 OKO B . 17.91 0.06 -6.55
C22 OKO B . 18.82 -0.95 -6.36
N5 OKO B . 18.82 -2.01 -5.51
N4 OKO B . 19.96 -2.76 -5.65
C21 OKO B . 20.67 -2.17 -6.58
C20 OKO B . 20.03 -1.01 -7.07
C9 OKO B . 20.30 -0.01 -8.03
C8 OKO B . 19.35 1.01 -8.22
C10 OKO B . 21.53 -0.01 -8.83
O4 OKO B . 22.52 -0.87 -8.48
C12 OKO B . 23.54 -0.64 -9.39
C11 OKO B . 23.10 0.33 -10.21
N2 OKO B . 21.83 0.73 -9.85
C13 OKO B . 24.76 -1.47 -9.22
N3 OKO B . 25.94 -0.75 -8.78
C19 OKO B . 25.78 -0.09 -7.49
C17 OKO B . 27.03 0.79 -7.13
C18 OKO B . 26.93 1.54 -5.83
O3 OKO B . 28.12 -0.16 -6.98
C15 OKO B . 28.39 -0.91 -8.18
C16 OKO B . 29.28 -2.06 -7.79
C14 OKO B . 27.13 -1.62 -8.82
#